data_7JT5
#
_entry.id   7JT5
#
_cell.length_a   55.648
_cell.length_b   105.023
_cell.length_c   152.719
_cell.angle_alpha   90.000
_cell.angle_beta   90.000
_cell.angle_gamma   90.000
#
_symmetry.space_group_name_H-M   'P 21 21 21'
#
loop_
_entity.id
_entity.type
_entity.pdbx_description
1 polymer 'ATP-dependent dethiobiotin synthetase BioD'
2 non-polymer GLYCEROL
3 non-polymer '{(1R,2R)-2-[4-(carboxymethyl)benzene-1-carbonyl]cyclopentyl}propanedioic acid'
4 non-polymer 'SULFATE ION'
5 water water
#
_entity_poly.entity_id   1
_entity_poly.type   'polypeptide(L)'
_entity_poly.pdbx_seq_one_letter_code
;HHHHHHGGTILVVTGTGTGVGKTVVCAALASAARQAGIDVAVCKPVQTGTARGDDDLAEVGRLAGVTQLAGLARYPQPMA
PAAAAEHAGMALPARDQIVRLIADLDRPGRLTLVEGAGGLLVELAEPGVTLRDVAVDVAAAALVVVTADLGTLNHTKLTL
EALAAQQVSCAGLVIGSWPDPPGLVAASNRSALARIAMVRAALPAGAASLDAGDFAAMSAAAFDRNWVAGLVG
;
_entity_poly.pdbx_strand_id   A,B,C,D
#
# COMPACT_ATOMS: atom_id res chain seq x y z
N GLY A 7 -2.28 20.42 -13.19
CA GLY A 7 -0.96 20.67 -12.65
C GLY A 7 0.03 19.54 -12.91
N GLY A 8 1.10 19.51 -12.13
CA GLY A 8 2.10 18.47 -12.27
C GLY A 8 2.11 17.48 -11.14
N THR A 9 3.29 17.10 -10.66
CA THR A 9 3.45 16.16 -9.56
C THR A 9 3.97 16.91 -8.33
N ILE A 10 3.23 16.83 -7.24
CA ILE A 10 3.65 17.38 -5.96
C ILE A 10 4.07 16.22 -5.07
N LEU A 11 5.22 16.37 -4.41
CA LEU A 11 5.78 15.31 -3.58
C LEU A 11 6.32 15.94 -2.30
N VAL A 12 5.68 15.66 -1.17
CA VAL A 12 6.22 16.12 0.11
C VAL A 12 7.36 15.20 0.52
N VAL A 13 8.41 15.79 1.06
CA VAL A 13 9.59 15.05 1.51
C VAL A 13 9.67 15.23 3.02
N THR A 14 9.34 14.18 3.76
CA THR A 14 9.37 14.19 5.21
C THR A 14 10.49 13.28 5.71
N GLY A 15 10.49 13.00 7.00
CA GLY A 15 11.52 12.14 7.57
C GLY A 15 11.05 11.58 8.89
N THR A 16 11.81 10.57 9.36
CA THR A 16 11.55 10.00 10.68
C THR A 16 11.84 10.98 11.80
N GLY A 17 12.61 12.03 11.54
CA GLY A 17 12.90 13.04 12.53
C GLY A 17 13.63 14.22 11.95
N THR A 18 14.48 14.85 12.75
CA THR A 18 15.31 15.96 12.29
C THR A 18 16.75 15.49 12.16
N GLY A 19 17.47 16.08 11.21
CA GLY A 19 18.83 15.66 10.96
C GLY A 19 18.98 14.30 10.33
N VAL A 20 17.92 13.79 9.70
CA VAL A 20 17.98 12.47 9.06
C VAL A 20 18.36 12.55 7.59
N GLY A 21 18.41 13.74 7.00
CA GLY A 21 18.85 13.89 5.64
C GLY A 21 17.77 14.40 4.69
N LYS A 22 16.73 15.05 5.22
CA LYS A 22 15.66 15.56 4.38
C LYS A 22 16.20 16.51 3.31
N THR A 23 17.09 17.42 3.71
CA THR A 23 17.56 18.45 2.78
C THR A 23 18.40 17.85 1.66
N VAL A 24 19.35 16.97 2.01
CA VAL A 24 20.24 16.41 1.00
C VAL A 24 19.47 15.47 0.08
N VAL A 25 18.41 14.84 0.58
CA VAL A 25 17.57 13.99 -0.27
C VAL A 25 16.80 14.86 -1.27
N CYS A 26 16.28 16.00 -0.80
CA CYS A 26 15.62 16.92 -1.73
C CYS A 26 16.57 17.37 -2.83
N ALA A 27 17.81 17.72 -2.46
CA ALA A 27 18.78 18.14 -3.46
C ALA A 27 19.15 16.98 -4.38
N ALA A 28 19.25 15.76 -3.83
CA ALA A 28 19.62 14.61 -4.64
C ALA A 28 18.53 14.27 -5.65
N LEU A 29 17.27 14.25 -5.20
CA LEU A 29 16.17 13.96 -6.12
C LEU A 29 15.98 15.09 -7.12
N ALA A 30 16.17 16.34 -6.68
CA ALA A 30 16.07 17.46 -7.60
C ALA A 30 17.12 17.36 -8.71
N SER A 31 18.35 17.03 -8.34
CA SER A 31 19.41 16.89 -9.32
C SER A 31 19.12 15.74 -10.28
N ALA A 32 18.64 14.61 -9.76
CA ALA A 32 18.33 13.47 -10.62
C ALA A 32 17.18 13.80 -11.57
N ALA A 33 16.16 14.50 -11.08
CA ALA A 33 15.03 14.87 -11.93
C ALA A 33 15.46 15.88 -12.99
N ARG A 34 16.28 16.87 -12.60
CA ARG A 34 16.79 17.84 -13.56
C ARG A 34 17.58 17.16 -14.67
N GLN A 35 18.44 16.20 -14.32
CA GLN A 35 19.21 15.48 -15.32
C GLN A 35 18.33 14.64 -16.24
N ALA A 36 17.12 14.29 -15.80
CA ALA A 36 16.15 13.59 -16.63
C ALA A 36 15.29 14.52 -17.45
N GLY A 37 15.58 15.82 -17.43
CA GLY A 37 14.81 16.79 -18.19
C GLY A 37 13.53 17.25 -17.52
N ILE A 38 13.37 17.00 -16.23
CA ILE A 38 12.15 17.36 -15.50
C ILE A 38 12.38 18.70 -14.83
N ASP A 39 11.42 19.62 -14.98
CA ASP A 39 11.50 20.89 -14.28
C ASP A 39 11.20 20.68 -12.79
N VAL A 40 12.02 21.28 -11.94
CA VAL A 40 11.98 21.02 -10.51
C VAL A 40 11.86 22.34 -9.75
N ALA A 41 10.92 22.38 -8.80
CA ALA A 41 10.85 23.43 -7.79
C ALA A 41 10.90 22.79 -6.42
N VAL A 42 11.58 23.44 -5.48
CA VAL A 42 11.72 22.96 -4.12
C VAL A 42 11.12 24.00 -3.18
N CYS A 43 10.31 23.53 -2.23
CA CYS A 43 9.56 24.39 -1.33
C CYS A 43 9.86 24.00 0.11
N LYS A 44 10.18 25.00 0.95
CA LYS A 44 10.36 24.81 2.39
C LYS A 44 9.45 25.82 3.08
N PRO A 45 8.18 25.47 3.32
CA PRO A 45 7.24 26.46 3.83
C PRO A 45 7.55 26.94 5.24
N VAL A 46 8.13 26.09 6.08
CA VAL A 46 8.50 26.48 7.44
C VAL A 46 9.97 26.15 7.65
N GLN A 47 10.78 27.16 7.97
CA GLN A 47 12.21 27.00 8.19
C GLN A 47 12.56 27.62 9.53
N THR A 48 13.01 26.78 10.47
CA THR A 48 13.51 27.25 11.76
C THR A 48 15.03 27.23 11.76
N GLY A 49 15.60 27.78 12.83
CA GLY A 49 17.05 27.78 12.97
C GLY A 49 17.78 28.74 12.07
N THR A 50 17.12 29.78 11.57
CA THR A 50 17.80 30.71 10.66
C THR A 50 18.86 31.53 11.37
N ALA A 51 18.69 31.75 12.68
CA ALA A 51 19.72 32.44 13.45
C ALA A 51 20.98 31.60 13.62
N ARG A 52 20.85 30.28 13.56
CA ARG A 52 22.01 29.39 13.57
C ARG A 52 22.62 29.20 12.19
N GLY A 53 22.04 29.81 11.16
CA GLY A 53 22.51 29.69 9.80
C GLY A 53 21.78 28.67 8.95
N ASP A 54 20.80 27.97 9.51
CA ASP A 54 20.10 26.94 8.76
C ASP A 54 19.27 27.56 7.65
N ASP A 55 19.47 27.07 6.41
CA ASP A 55 18.69 27.50 5.26
C ASP A 55 18.71 26.36 4.25
N ASP A 56 17.68 25.52 4.31
CA ASP A 56 17.67 24.31 3.49
C ASP A 56 17.48 24.66 2.01
N LEU A 57 16.68 25.68 1.71
CA LEU A 57 16.52 26.09 0.32
C LEU A 57 17.85 26.53 -0.28
N ALA A 58 18.64 27.32 0.47
CA ALA A 58 19.94 27.74 -0.03
C ALA A 58 20.88 26.56 -0.24
N GLU A 59 20.77 25.53 0.61
CA GLU A 59 21.63 24.37 0.47
C GLU A 59 21.22 23.54 -0.74
N VAL A 60 19.92 23.46 -1.02
CA VAL A 60 19.45 22.73 -2.20
C VAL A 60 19.92 23.39 -3.48
N GLY A 61 19.85 24.72 -3.55
CA GLY A 61 20.36 25.43 -4.70
C GLY A 61 21.86 25.29 -4.85
N ARG A 62 22.58 25.17 -3.73
CA ARG A 62 24.03 25.00 -3.78
C ARG A 62 24.41 23.62 -4.30
N LEU A 63 23.69 22.58 -3.86
CA LEU A 63 24.04 21.22 -4.23
C LEU A 63 23.53 20.86 -5.62
N ALA A 64 22.28 21.20 -5.91
CA ALA A 64 21.62 20.75 -7.13
C ALA A 64 21.44 21.85 -8.16
N GLY A 65 21.82 23.09 -7.86
CA GLY A 65 21.66 24.16 -8.81
C GLY A 65 20.23 24.60 -9.04
N VAL A 66 19.32 24.28 -8.12
CA VAL A 66 17.92 24.65 -8.28
C VAL A 66 17.75 26.13 -7.96
N THR A 67 17.20 26.88 -8.91
CA THR A 67 16.92 28.29 -8.70
C THR A 67 15.47 28.57 -8.32
N GLN A 68 14.56 27.65 -8.63
CA GLN A 68 13.13 27.82 -8.30
C GLN A 68 12.93 27.34 -6.87
N LEU A 69 13.17 28.24 -5.92
CA LEU A 69 13.12 27.93 -4.49
C LEU A 69 12.09 28.85 -3.83
N ALA A 70 11.22 28.27 -3.00
CA ALA A 70 10.10 29.01 -2.43
C ALA A 70 10.03 28.73 -0.93
N GLY A 71 10.07 29.81 -0.13
CA GLY A 71 9.85 29.73 1.30
C GLY A 71 8.67 30.60 1.71
N LEU A 72 8.35 30.51 3.00
CA LEU A 72 7.24 31.29 3.54
C LEU A 72 7.57 31.85 4.91
N ALA A 73 7.68 30.98 5.92
CA ALA A 73 7.97 31.40 7.29
C ALA A 73 9.39 31.00 7.65
N ARG A 74 10.11 31.94 8.27
CA ARG A 74 11.46 31.70 8.76
C ARG A 74 11.55 32.13 10.22
N TYR A 75 12.10 31.27 11.06
CA TYR A 75 12.21 31.56 12.49
C TYR A 75 13.65 31.37 12.96
N PRO A 76 14.12 32.23 13.86
CA PRO A 76 15.54 32.22 14.23
C PRO A 76 16.02 30.98 14.99
N GLN A 77 15.29 30.58 16.03
CA GLN A 77 15.79 29.56 16.94
C GLN A 77 15.71 28.17 16.29
N PRO A 78 16.71 27.30 16.55
CA PRO A 78 16.71 25.92 16.00
C PRO A 78 15.87 24.97 16.84
N MET A 79 14.56 25.22 16.85
CA MET A 79 13.62 24.42 17.62
C MET A 79 12.41 24.04 16.77
N ALA A 80 11.39 23.49 17.41
CA ALA A 80 10.13 23.25 16.73
C ALA A 80 9.54 24.57 16.22
N PRO A 81 8.85 24.54 15.08
CA PRO A 81 8.23 25.78 14.59
C PRO A 81 7.32 26.45 15.61
N ALA A 82 6.54 25.69 16.38
CA ALA A 82 5.68 26.28 17.39
C ALA A 82 6.50 27.02 18.44
N ALA A 83 7.59 26.40 18.91
CA ALA A 83 8.42 27.04 19.93
C ALA A 83 9.27 28.15 19.32
N ALA A 84 9.79 27.94 18.11
CA ALA A 84 10.60 28.97 17.46
C ALA A 84 9.76 30.22 17.17
N ALA A 85 8.50 30.02 16.77
CA ALA A 85 7.63 31.17 16.54
C ALA A 85 7.29 31.89 17.84
N GLU A 86 7.05 31.13 18.91
CA GLU A 86 6.74 31.75 20.19
C GLU A 86 7.92 32.55 20.73
N HIS A 87 9.14 32.04 20.53
CA HIS A 87 10.32 32.72 21.05
C HIS A 87 10.61 34.02 20.30
N ALA A 88 10.15 34.16 19.06
CA ALA A 88 10.37 35.36 18.27
C ALA A 88 9.20 36.33 18.31
N GLY A 89 8.23 36.09 19.18
CA GLY A 89 7.02 36.90 19.16
C GLY A 89 6.19 36.80 17.90
N MET A 90 6.51 35.87 17.00
CA MET A 90 5.77 35.72 15.75
C MET A 90 4.73 34.62 15.88
N ALA A 91 3.98 34.40 14.80
CA ALA A 91 2.97 33.35 14.75
C ALA A 91 3.28 32.37 13.63
N LEU A 92 2.73 31.16 13.76
CA LEU A 92 2.82 30.19 12.69
C LEU A 92 1.97 30.62 11.51
N PRO A 93 2.34 30.25 10.29
CA PRO A 93 1.51 30.58 9.13
C PRO A 93 0.18 29.83 9.17
N ALA A 94 -0.75 30.29 8.35
CA ALA A 94 -2.04 29.63 8.26
C ALA A 94 -1.94 28.39 7.40
N ARG A 95 -2.88 27.46 7.62
CA ARG A 95 -2.92 26.24 6.83
C ARG A 95 -3.09 26.55 5.34
N ASP A 96 -3.94 27.53 5.02
CA ASP A 96 -4.16 27.88 3.63
C ASP A 96 -3.00 28.65 3.03
N GLN A 97 -2.17 29.31 3.85
CA GLN A 97 -0.98 29.98 3.33
C GLN A 97 0.03 28.96 2.81
N ILE A 98 0.20 27.85 3.53
CA ILE A 98 1.14 26.82 3.09
C ILE A 98 0.65 26.16 1.82
N VAL A 99 -0.64 25.83 1.76
CA VAL A 99 -1.20 25.20 0.57
C VAL A 99 -1.11 26.14 -0.63
N ARG A 100 -1.43 27.42 -0.42
CA ARG A 100 -1.37 28.40 -1.51
C ARG A 100 0.04 28.53 -2.05
N LEU A 101 1.05 28.50 -1.17
CA LEU A 101 2.43 28.57 -1.61
C LEU A 101 2.78 27.39 -2.52
N ILE A 102 2.30 26.20 -2.17
CA ILE A 102 2.61 25.02 -2.97
C ILE A 102 1.82 25.01 -4.28
N ALA A 103 0.54 25.41 -4.22
CA ALA A 103 -0.29 25.37 -5.42
C ALA A 103 0.23 26.33 -6.49
N ASP A 104 0.75 27.49 -6.08
CA ASP A 104 1.28 28.45 -7.04
C ASP A 104 2.51 27.91 -7.78
N LEU A 105 3.22 26.94 -7.18
CA LEU A 105 4.36 26.34 -7.85
C LEU A 105 3.95 25.21 -8.79
N ASP A 106 2.82 24.57 -8.52
CA ASP A 106 2.41 23.41 -9.30
C ASP A 106 2.13 23.80 -10.76
N ARG A 107 2.71 23.03 -11.68
CA ARG A 107 2.54 23.26 -13.10
C ARG A 107 2.80 21.94 -13.82
N PRO A 108 2.14 21.69 -14.94
CA PRO A 108 2.38 20.43 -15.68
C PRO A 108 3.84 20.30 -16.09
N GLY A 109 4.33 19.06 -16.04
CA GLY A 109 5.72 18.78 -16.36
C GLY A 109 6.71 19.11 -15.26
N ARG A 110 6.25 19.62 -14.13
CA ARG A 110 7.12 20.04 -13.04
C ARG A 110 6.98 19.12 -11.84
N LEU A 111 8.11 18.78 -11.23
CA LEU A 111 8.14 18.10 -9.95
C LEU A 111 8.35 19.13 -8.86
N THR A 112 7.38 19.27 -7.97
CA THR A 112 7.45 20.19 -6.84
C THR A 112 7.69 19.40 -5.57
N LEU A 113 8.86 19.61 -4.96
CA LEU A 113 9.22 18.96 -3.70
C LEU A 113 8.94 19.90 -2.54
N VAL A 114 8.20 19.42 -1.55
CA VAL A 114 7.83 20.20 -0.37
C VAL A 114 8.53 19.56 0.82
N GLU A 115 9.60 20.19 1.29
CA GLU A 115 10.37 19.66 2.42
C GLU A 115 9.74 20.12 3.73
N GLY A 116 9.40 19.17 4.59
CA GLY A 116 8.84 19.49 5.87
C GLY A 116 9.89 19.98 6.85
N ALA A 117 9.41 20.36 8.03
CA ALA A 117 10.26 20.76 9.14
C ALA A 117 10.23 19.64 10.18
N GLY A 118 11.40 19.06 10.45
CA GLY A 118 11.45 17.94 11.39
C GLY A 118 10.69 16.74 10.85
N GLY A 119 10.04 16.02 11.75
CA GLY A 119 9.30 14.83 11.40
C GLY A 119 7.92 15.13 10.83
N LEU A 120 7.18 14.05 10.56
CA LEU A 120 5.91 14.16 9.83
C LEU A 120 4.85 14.89 10.65
N LEU A 121 4.76 14.61 11.94
CA LEU A 121 3.70 15.16 12.77
C LEU A 121 4.08 16.48 13.44
N VAL A 122 5.16 17.13 13.00
CA VAL A 122 5.51 18.44 13.52
C VAL A 122 4.42 19.44 13.14
N GLU A 123 4.02 20.27 14.10
CA GLU A 123 3.01 21.29 13.84
C GLU A 123 3.59 22.39 12.97
N LEU A 124 3.03 22.56 11.78
CA LEU A 124 3.43 23.64 10.88
C LEU A 124 2.46 24.82 10.90
N ALA A 125 1.22 24.60 11.34
CA ALA A 125 0.21 25.64 11.39
C ALA A 125 -0.77 25.32 12.50
N GLU A 126 -1.40 26.36 13.04
CA GLU A 126 -2.35 26.10 14.12
C GLU A 126 -3.73 25.81 13.56
N PRO A 127 -4.51 24.93 14.23
CA PRO A 127 -4.09 24.15 15.39
C PRO A 127 -3.69 22.71 15.06
N GLY A 128 -2.43 22.37 15.30
CA GLY A 128 -1.97 21.02 15.04
C GLY A 128 -1.94 20.61 13.59
N VAL A 129 -1.86 21.56 12.66
CA VAL A 129 -1.78 21.25 11.24
C VAL A 129 -0.34 20.79 10.94
N THR A 130 -0.23 19.61 10.35
CA THR A 130 1.07 19.01 10.05
C THR A 130 1.26 18.90 8.55
N LEU A 131 2.45 18.43 8.16
CA LEU A 131 2.73 18.17 6.74
C LEU A 131 1.81 17.11 6.18
N ARG A 132 1.33 16.20 7.03
CA ARG A 132 0.38 15.18 6.59
C ARG A 132 -0.93 15.81 6.13
N ASP A 133 -1.42 16.81 6.88
CA ASP A 133 -2.62 17.52 6.46
C ASP A 133 -2.38 18.29 5.16
N VAL A 134 -1.18 18.86 5.01
CA VAL A 134 -0.85 19.59 3.80
C VAL A 134 -0.87 18.65 2.59
N ALA A 135 -0.34 17.44 2.76
CA ALA A 135 -0.31 16.49 1.65
C ALA A 135 -1.72 16.12 1.20
N VAL A 136 -2.65 15.97 2.15
CA VAL A 136 -4.04 15.69 1.79
C VAL A 136 -4.62 16.85 1.00
N ASP A 137 -4.30 18.08 1.40
CA ASP A 137 -4.86 19.26 0.73
C ASP A 137 -4.41 19.34 -0.73
N VAL A 138 -3.15 19.04 -1.00
CA VAL A 138 -2.61 19.15 -2.35
C VAL A 138 -2.54 17.80 -3.05
N ALA A 139 -3.08 16.74 -2.44
CA ALA A 139 -3.13 15.41 -3.04
C ALA A 139 -1.75 14.94 -3.46
N ALA A 140 -0.78 15.04 -2.54
CA ALA A 140 0.59 14.68 -2.81
C ALA A 140 0.95 13.40 -2.07
N ALA A 141 1.76 12.57 -2.71
CA ALA A 141 2.36 11.43 -2.04
C ALA A 141 3.52 11.90 -1.16
N ALA A 142 4.02 11.00 -0.32
CA ALA A 142 5.04 11.34 0.67
C ALA A 142 6.27 10.46 0.48
N LEU A 143 7.42 11.11 0.36
CA LEU A 143 8.72 10.44 0.38
C LEU A 143 9.30 10.57 1.77
N VAL A 144 9.67 9.44 2.38
CA VAL A 144 10.09 9.39 3.77
C VAL A 144 11.60 9.13 3.81
N VAL A 145 12.34 10.09 4.35
CA VAL A 145 13.77 9.95 4.54
C VAL A 145 14.02 9.25 5.87
N VAL A 146 14.85 8.21 5.86
CA VAL A 146 15.17 7.43 7.04
C VAL A 146 16.68 7.31 7.15
N THR A 147 17.14 6.90 8.33
CA THR A 147 18.53 6.59 8.57
C THR A 147 18.76 5.08 8.53
N ALA A 148 20.03 4.70 8.60
CA ALA A 148 20.41 3.29 8.65
C ALA A 148 20.84 2.87 10.06
N ASP A 149 20.68 3.75 11.05
CA ASP A 149 21.18 3.50 12.38
C ASP A 149 20.16 2.74 13.23
N LEU A 150 20.62 2.31 14.40
CA LEU A 150 19.77 1.59 15.34
C LEU A 150 18.57 2.44 15.74
N GLY A 151 17.37 1.86 15.64
CA GLY A 151 16.15 2.55 15.97
C GLY A 151 15.35 3.02 14.77
N THR A 152 15.90 2.91 13.55
CA THR A 152 15.21 3.44 12.38
C THR A 152 13.98 2.63 12.02
N LEU A 153 13.95 1.34 12.36
CA LEU A 153 12.82 0.50 11.98
C LEU A 153 11.55 0.93 12.70
N ASN A 154 11.65 1.20 14.00
CA ASN A 154 10.47 1.66 14.75
C ASN A 154 9.96 2.99 14.20
N HIS A 155 10.88 3.95 13.98
CA HIS A 155 10.46 5.26 13.51
C HIS A 155 9.88 5.20 12.11
N THR A 156 10.43 4.33 11.25
CA THR A 156 9.90 4.20 9.90
C THR A 156 8.49 3.59 9.92
N LYS A 157 8.30 2.55 10.73
CA LYS A 157 6.96 1.95 10.84
C LYS A 157 5.96 2.95 11.41
N LEU A 158 6.38 3.74 12.39
CA LEU A 158 5.48 4.74 12.97
C LEU A 158 5.09 5.79 11.94
N THR A 159 6.04 6.22 11.10
CA THR A 159 5.76 7.25 10.12
C THR A 159 4.84 6.74 9.02
N LEU A 160 5.10 5.52 8.52
CA LEU A 160 4.27 4.99 7.44
C LEU A 160 2.86 4.68 7.92
N GLU A 161 2.70 4.27 9.19
CA GLU A 161 1.35 4.06 9.72
C GLU A 161 0.61 5.38 9.85
N ALA A 162 1.32 6.46 10.20
CA ALA A 162 0.69 7.77 10.29
C ALA A 162 0.26 8.27 8.91
N LEU A 163 1.05 7.97 7.87
CA LEU A 163 0.65 8.33 6.52
C LEU A 163 -0.62 7.60 6.10
N ALA A 164 -0.70 6.30 6.40
CA ALA A 164 -1.86 5.51 5.99
C ALA A 164 -3.13 5.97 6.70
N ALA A 165 -2.99 6.52 7.91
CA ALA A 165 -4.17 6.92 8.68
C ALA A 165 -4.95 8.03 7.98
N GLN A 166 -4.27 8.87 7.20
CA GLN A 166 -4.93 9.90 6.40
C GLN A 166 -4.91 9.58 4.91
N GLN A 167 -4.60 8.33 4.55
CA GLN A 167 -4.58 7.89 3.16
C GLN A 167 -3.63 8.72 2.31
N VAL A 168 -2.50 9.11 2.90
CA VAL A 168 -1.43 9.76 2.15
C VAL A 168 -0.50 8.67 1.63
N SER A 169 -0.41 8.55 0.31
CA SER A 169 0.40 7.51 -0.29
C SER A 169 1.87 7.71 0.03
N CYS A 170 2.58 6.61 0.26
CA CYS A 170 4.02 6.64 0.51
C CYS A 170 4.75 6.38 -0.80
N ALA A 171 5.51 7.37 -1.26
CA ALA A 171 6.26 7.23 -2.50
C ALA A 171 7.48 6.35 -2.35
N GLY A 172 7.81 5.92 -1.14
CA GLY A 172 8.99 5.11 -0.88
C GLY A 172 9.89 5.74 0.17
N LEU A 173 11.00 5.06 0.43
CA LEU A 173 11.97 5.48 1.42
C LEU A 173 13.27 5.90 0.74
N VAL A 174 14.02 6.79 1.40
CA VAL A 174 15.38 7.12 0.99
C VAL A 174 16.25 7.13 2.24
N ILE A 175 17.31 6.34 2.22
CA ILE A 175 18.29 6.34 3.32
C ILE A 175 19.17 7.58 3.17
N GLY A 176 19.14 8.45 4.18
CA GLY A 176 19.81 9.74 4.07
C GLY A 176 21.31 9.64 4.04
N SER A 177 21.88 8.68 4.76
CA SER A 177 23.33 8.50 4.83
C SER A 177 23.64 7.01 4.89
N TRP A 178 24.36 6.51 3.90
CA TRP A 178 24.73 5.10 3.82
C TRP A 178 26.23 4.96 4.00
N PRO A 179 26.70 4.23 5.00
CA PRO A 179 28.13 4.18 5.28
C PRO A 179 28.86 3.18 4.39
N ASP A 180 30.16 3.40 4.28
CA ASP A 180 31.04 2.52 3.50
C ASP A 180 32.29 2.23 4.34
N PRO A 181 32.47 0.99 4.82
CA PRO A 181 31.55 -0.13 4.62
C PRO A 181 30.41 -0.15 5.64
N PRO A 182 29.31 -0.81 5.30
CA PRO A 182 28.21 -0.94 6.26
C PRO A 182 28.48 -2.02 7.29
N GLY A 183 28.03 -1.78 8.52
CA GLY A 183 28.14 -2.75 9.59
C GLY A 183 26.99 -3.75 9.55
N LEU A 184 26.96 -4.59 10.58
CA LEU A 184 25.90 -5.58 10.68
C LEU A 184 24.54 -4.93 10.86
N VAL A 185 24.47 -3.87 11.68
CA VAL A 185 23.20 -3.20 11.94
C VAL A 185 22.72 -2.47 10.69
N ALA A 186 23.62 -1.71 10.05
CA ALA A 186 23.22 -0.95 8.86
C ALA A 186 22.77 -1.88 7.74
N ALA A 187 23.50 -2.97 7.51
CA ALA A 187 23.11 -3.91 6.46
C ALA A 187 21.78 -4.57 6.80
N SER A 188 21.60 -4.99 8.05
CA SER A 188 20.34 -5.59 8.46
C SER A 188 19.19 -4.60 8.34
N ASN A 189 19.43 -3.34 8.71
CA ASN A 189 18.38 -2.33 8.62
C ASN A 189 17.95 -2.10 7.19
N ARG A 190 18.90 -2.04 6.25
CA ARG A 190 18.54 -1.77 4.86
C ARG A 190 17.68 -2.90 4.29
N SER A 191 17.99 -4.15 4.64
N SER A 191 17.99 -4.15 4.64
CA SER A 191 17.17 -5.26 4.19
CA SER A 191 17.17 -5.26 4.19
C SER A 191 15.79 -5.23 4.83
C SER A 191 15.78 -5.24 4.83
N ALA A 192 15.72 -4.86 6.11
CA ALA A 192 14.42 -4.79 6.78
C ALA A 192 13.60 -3.61 6.28
N LEU A 193 14.26 -2.48 5.99
CA LEU A 193 13.55 -1.33 5.43
C LEU A 193 12.97 -1.66 4.06
N ALA A 194 13.70 -2.44 3.26
CA ALA A 194 13.21 -2.81 1.93
C ALA A 194 11.93 -3.64 2.01
N ARG A 195 11.75 -4.41 3.08
CA ARG A 195 10.51 -5.17 3.25
C ARG A 195 9.37 -4.28 3.75
N ILE A 196 9.68 -3.15 4.37
CA ILE A 196 8.64 -2.23 4.83
C ILE A 196 8.09 -1.42 3.66
N ALA A 197 8.97 -0.84 2.86
CA ALA A 197 8.57 -0.10 1.68
C ALA A 197 9.71 -0.17 0.67
N MET A 198 9.47 0.38 -0.52
CA MET A 198 10.49 0.40 -1.55
C MET A 198 11.52 1.48 -1.25
N VAL A 199 12.79 1.08 -1.20
CA VAL A 199 13.89 2.00 -0.94
C VAL A 199 14.34 2.58 -2.28
N ARG A 200 14.06 3.87 -2.50
CA ARG A 200 14.35 4.49 -3.78
C ARG A 200 15.83 4.81 -3.95
N ALA A 201 16.54 5.07 -2.87
CA ALA A 201 17.96 5.42 -2.96
C ALA A 201 18.59 5.31 -1.58
N ALA A 202 19.90 5.16 -1.57
CA ALA A 202 20.70 5.17 -0.34
C ALA A 202 21.91 6.08 -0.62
N LEU A 203 21.80 7.34 -0.22
CA LEU A 203 22.85 8.30 -0.52
C LEU A 203 24.10 7.99 0.29
N PRO A 204 25.28 8.00 -0.31
CA PRO A 204 26.50 7.71 0.45
C PRO A 204 26.77 8.79 1.50
N ALA A 205 27.44 8.38 2.57
CA ALA A 205 27.75 9.30 3.65
C ALA A 205 28.63 10.43 3.15
N GLY A 206 28.37 11.64 3.66
CA GLY A 206 29.10 12.81 3.22
C GLY A 206 28.71 13.34 1.87
N ALA A 207 27.52 12.96 1.36
CA ALA A 207 27.10 13.44 0.05
C ALA A 207 26.88 14.94 0.05
N ALA A 208 26.52 15.52 1.19
CA ALA A 208 26.29 16.96 1.27
C ALA A 208 27.57 17.76 1.15
N SER A 209 28.73 17.12 1.31
N SER A 209 28.73 17.12 1.31
CA SER A 209 30.02 17.80 1.20
CA SER A 209 30.01 17.80 1.19
C SER A 209 30.62 17.72 -0.20
C SER A 209 30.59 17.74 -0.21
N LEU A 210 29.91 17.10 -1.15
CA LEU A 210 30.41 17.02 -2.51
C LEU A 210 30.19 18.34 -3.24
N ASP A 211 31.04 18.61 -4.23
CA ASP A 211 30.82 19.75 -5.10
C ASP A 211 29.66 19.47 -6.05
N ALA A 212 29.28 20.48 -6.82
CA ALA A 212 28.14 20.36 -7.73
C ALA A 212 28.36 19.23 -8.74
N GLY A 213 29.60 19.08 -9.23
CA GLY A 213 29.87 18.04 -10.20
C GLY A 213 29.73 16.65 -9.62
N ASP A 214 30.37 16.41 -8.46
CA ASP A 214 30.27 15.11 -7.82
C ASP A 214 28.85 14.83 -7.33
N PHE A 215 28.16 15.87 -6.85
CA PHE A 215 26.80 15.68 -6.34
C PHE A 215 25.85 15.26 -7.45
N ALA A 216 26.00 15.85 -8.65
CA ALA A 216 25.14 15.49 -9.77
C ALA A 216 25.38 14.05 -10.22
N ALA A 217 26.64 13.62 -10.23
CA ALA A 217 26.94 12.24 -10.59
C ALA A 217 26.41 11.27 -9.55
N MET A 218 26.55 11.62 -8.27
CA MET A 218 26.00 10.78 -7.21
C MET A 218 24.48 10.69 -7.31
N SER A 219 23.83 11.82 -7.61
CA SER A 219 22.37 11.84 -7.67
C SER A 219 21.85 10.98 -8.81
N ALA A 220 22.46 11.08 -9.99
CA ALA A 220 22.01 10.31 -11.14
C ALA A 220 22.15 8.81 -10.90
N ALA A 221 23.17 8.41 -10.14
CA ALA A 221 23.39 7.00 -9.85
C ALA A 221 22.63 6.49 -8.64
N ALA A 222 22.16 7.38 -7.77
CA ALA A 222 21.52 6.95 -6.53
C ALA A 222 20.11 6.42 -6.78
N PHE A 223 19.37 7.04 -7.70
CA PHE A 223 17.98 6.70 -7.96
C PHE A 223 17.84 5.84 -9.21
N ASP A 224 16.73 5.11 -9.26
CA ASP A 224 16.35 4.40 -10.47
C ASP A 224 15.77 5.40 -11.47
N ARG A 225 16.38 5.49 -12.65
CA ARG A 225 15.93 6.46 -13.64
C ARG A 225 14.51 6.17 -14.12
N ASN A 226 14.10 4.90 -14.10
CA ASN A 226 12.73 4.56 -14.44
C ASN A 226 11.75 5.15 -13.43
N TRP A 227 12.12 5.12 -12.14
CA TRP A 227 11.25 5.70 -11.13
C TRP A 227 11.24 7.23 -11.20
N VAL A 228 12.42 7.83 -11.38
CA VAL A 228 12.50 9.29 -11.48
C VAL A 228 11.72 9.78 -12.68
N ALA A 229 11.92 9.16 -13.84
CA ALA A 229 11.20 9.56 -15.04
C ALA A 229 9.69 9.33 -14.89
N GLY A 230 9.30 8.27 -14.19
CA GLY A 230 7.88 8.00 -14.00
C GLY A 230 7.18 8.92 -13.03
N LEU A 231 7.92 9.78 -12.32
CA LEU A 231 7.29 10.68 -11.36
C LEU A 231 6.45 11.74 -12.06
N VAL A 232 6.91 12.23 -13.21
CA VAL A 232 6.25 13.30 -13.94
C VAL A 232 5.98 12.83 -15.36
N GLY A 233 4.75 13.02 -15.83
CA GLY A 233 4.39 12.62 -17.18
C GLY A 233 4.30 13.78 -18.15
N GLY B 7 -7.64 -9.87 39.00
CA GLY B 7 -6.26 -9.55 38.69
C GLY B 7 -5.82 -8.20 39.23
N GLY B 8 -4.62 -7.78 38.84
CA GLY B 8 -4.09 -6.50 39.28
C GLY B 8 -4.02 -5.48 38.17
N THR B 9 -2.91 -4.74 38.11
CA THR B 9 -2.70 -3.71 37.09
C THR B 9 -1.49 -4.09 36.25
N ILE B 10 -1.68 -4.19 34.94
CA ILE B 10 -0.61 -4.46 33.99
C ILE B 10 -0.32 -3.17 33.23
N LEU B 11 0.94 -2.75 33.24
CA LEU B 11 1.38 -1.58 32.49
C LEU B 11 2.53 -2.00 31.58
N VAL B 12 2.33 -1.86 30.27
CA VAL B 12 3.44 -1.99 29.35
C VAL B 12 4.23 -0.68 29.36
N VAL B 13 5.54 -0.79 29.36
CA VAL B 13 6.42 0.37 29.39
C VAL B 13 7.20 0.35 28.09
N THR B 14 6.82 1.22 27.16
CA THR B 14 7.49 1.35 25.87
C THR B 14 8.26 2.66 25.84
N GLY B 15 8.78 3.00 24.66
CA GLY B 15 9.49 4.25 24.48
C GLY B 15 9.36 4.72 23.05
N THR B 16 9.79 5.96 22.82
CA THR B 16 9.83 6.48 21.46
C THR B 16 10.91 5.80 20.62
N GLY B 17 11.86 5.13 21.26
CA GLY B 17 12.92 4.44 20.55
C GLY B 17 13.78 3.62 21.50
N THR B 18 15.05 3.43 21.14
CA THR B 18 16.00 2.71 21.97
C THR B 18 16.96 3.69 22.63
N GLY B 19 17.43 3.32 23.83
CA GLY B 19 18.31 4.20 24.57
C GLY B 19 17.65 5.44 25.11
N VAL B 20 16.34 5.42 25.30
CA VAL B 20 15.60 6.59 25.79
C VAL B 20 15.34 6.51 27.29
N GLY B 21 15.71 5.41 27.94
CA GLY B 21 15.53 5.26 29.37
C GLY B 21 14.42 4.33 29.80
N LYS B 22 14.02 3.38 28.95
CA LYS B 22 12.93 2.47 29.34
C LYS B 22 13.27 1.68 30.60
N THR B 23 14.50 1.17 30.67
CA THR B 23 14.86 0.31 31.80
C THR B 23 14.93 1.09 33.11
N VAL B 24 15.57 2.26 33.08
CA VAL B 24 15.69 3.06 34.30
C VAL B 24 14.33 3.58 34.75
N VAL B 25 13.41 3.81 33.81
CA VAL B 25 12.07 4.23 34.18
C VAL B 25 11.30 3.07 34.81
N CYS B 26 11.46 1.87 34.26
CA CYS B 26 10.86 0.69 34.88
C CYS B 26 11.35 0.52 36.32
N ALA B 27 12.65 0.67 36.54
CA ALA B 27 13.20 0.55 37.88
C ALA B 27 12.68 1.67 38.79
N ALA B 28 12.63 2.90 38.27
CA ALA B 28 12.19 4.03 39.08
C ALA B 28 10.73 3.87 39.51
N LEU B 29 9.85 3.52 38.56
CA LEU B 29 8.45 3.30 38.91
C LEU B 29 8.28 2.10 39.84
N ALA B 30 9.06 1.04 39.61
CA ALA B 30 9.02 -0.11 40.51
C ALA B 30 9.42 0.30 41.93
N SER B 31 10.48 1.09 42.05
CA SER B 31 10.94 1.52 43.38
C SER B 31 9.91 2.41 44.05
N ALA B 32 9.29 3.32 43.30
CA ALA B 32 8.28 4.20 43.87
C ALA B 32 7.05 3.41 44.30
N ALA B 33 6.64 2.42 43.49
CA ALA B 33 5.48 1.62 43.84
C ALA B 33 5.76 0.73 45.04
N ARG B 34 6.98 0.18 45.14
CA ARG B 34 7.34 -0.63 46.29
C ARG B 34 7.25 0.18 47.58
N GLN B 35 7.84 1.39 47.57
CA GLN B 35 7.77 2.24 48.75
C GLN B 35 6.34 2.66 49.08
N ALA B 36 5.44 2.64 48.09
CA ALA B 36 4.03 2.86 48.34
C ALA B 36 3.32 1.61 48.86
N GLY B 37 4.06 0.53 49.12
CA GLY B 37 3.47 -0.70 49.61
C GLY B 37 2.88 -1.60 48.55
N ILE B 38 3.20 -1.37 47.27
CA ILE B 38 2.63 -2.13 46.16
C ILE B 38 3.62 -3.22 45.76
N ASP B 39 3.12 -4.44 45.59
CA ASP B 39 3.93 -5.53 45.07
C ASP B 39 4.19 -5.31 43.59
N VAL B 40 5.45 -5.41 43.17
CA VAL B 40 5.85 -5.06 41.81
C VAL B 40 6.54 -6.25 41.16
N ALA B 41 6.13 -6.57 39.94
CA ALA B 41 6.81 -7.51 39.08
C ALA B 41 7.19 -6.82 37.78
N VAL B 42 8.35 -7.17 37.22
CA VAL B 42 8.83 -6.58 35.97
C VAL B 42 9.12 -7.70 34.99
N CYS B 43 8.63 -7.55 33.76
CA CYS B 43 8.78 -8.56 32.72
C CYS B 43 9.41 -7.94 31.49
N LYS B 44 10.58 -8.46 31.09
CA LYS B 44 11.23 -8.12 29.84
C LYS B 44 11.20 -9.36 28.95
N PRO B 45 10.16 -9.56 28.15
CA PRO B 45 10.03 -10.83 27.41
C PRO B 45 11.19 -11.09 26.46
N VAL B 46 11.59 -10.09 25.67
CA VAL B 46 12.68 -10.23 24.71
C VAL B 46 13.75 -9.20 25.06
N GLN B 47 14.99 -9.65 25.16
CA GLN B 47 16.14 -8.82 25.47
C GLN B 47 17.24 -9.08 24.46
N THR B 48 17.85 -8.00 23.97
CA THR B 48 18.97 -8.12 23.04
C THR B 48 20.17 -7.36 23.58
N GLY B 49 21.32 -7.56 22.93
CA GLY B 49 22.54 -6.88 23.32
C GLY B 49 23.17 -7.39 24.60
N THR B 50 22.97 -8.67 24.93
CA THR B 50 23.51 -9.21 26.18
C THR B 50 25.00 -9.49 26.11
N ALA B 51 25.58 -9.54 24.91
CA ALA B 51 27.03 -9.71 24.79
C ALA B 51 27.77 -8.52 25.41
N ARG B 52 27.23 -7.32 25.24
CA ARG B 52 27.79 -6.14 25.89
C ARG B 52 27.63 -6.18 27.40
N GLY B 53 26.73 -7.03 27.91
CA GLY B 53 26.51 -7.17 29.32
C GLY B 53 25.24 -6.55 29.86
N ASP B 54 24.34 -6.08 28.99
CA ASP B 54 23.12 -5.41 29.41
C ASP B 54 22.04 -6.46 29.68
N ASP B 55 21.74 -6.69 30.96
CA ASP B 55 20.61 -7.50 31.39
C ASP B 55 19.68 -6.54 32.12
N ASP B 56 18.64 -6.07 31.41
CA ASP B 56 17.79 -5.01 31.97
C ASP B 56 17.08 -5.49 33.24
N LEU B 57 16.68 -6.76 33.28
CA LEU B 57 16.05 -7.29 34.48
C LEU B 57 17.01 -7.26 35.67
N ALA B 58 18.28 -7.59 35.45
CA ALA B 58 19.27 -7.53 36.52
C ALA B 58 19.45 -6.10 37.03
N GLU B 59 19.38 -5.11 36.12
CA GLU B 59 19.50 -3.72 36.54
C GLU B 59 18.27 -3.29 37.33
N VAL B 60 17.09 -3.76 36.94
CA VAL B 60 15.88 -3.45 37.70
C VAL B 60 15.95 -4.06 39.10
N GLY B 61 16.44 -5.29 39.21
CA GLY B 61 16.58 -5.92 40.52
C GLY B 61 17.58 -5.21 41.40
N ARG B 62 18.68 -4.72 40.82
CA ARG B 62 19.68 -4.04 41.62
C ARG B 62 19.21 -2.65 42.02
N LEU B 63 18.54 -1.93 41.12
CA LEU B 63 18.16 -0.55 41.40
C LEU B 63 16.93 -0.47 42.29
N ALA B 64 15.91 -1.30 42.03
CA ALA B 64 14.63 -1.19 42.73
C ALA B 64 14.38 -2.33 43.71
N GLY B 65 15.19 -3.38 43.71
CA GLY B 65 14.97 -4.48 44.63
C GLY B 65 13.87 -5.43 44.22
N VAL B 66 13.43 -5.38 42.97
CA VAL B 66 12.39 -6.29 42.50
C VAL B 66 12.96 -7.70 42.37
N THR B 67 12.22 -8.69 42.87
CA THR B 67 12.62 -10.08 42.77
C THR B 67 11.86 -10.85 41.70
N GLN B 68 10.60 -10.52 41.47
CA GLN B 68 9.80 -11.17 40.42
C GLN B 68 10.20 -10.57 39.08
N LEU B 69 11.24 -11.12 38.48
CA LEU B 69 11.79 -10.66 37.21
C LEU B 69 11.65 -11.78 36.20
N ALA B 70 10.85 -11.55 35.15
CA ALA B 70 10.49 -12.59 34.21
C ALA B 70 10.98 -12.24 32.80
N GLY B 71 11.53 -13.24 32.12
CA GLY B 71 11.97 -13.08 30.74
C GLY B 71 11.89 -14.39 30.00
N LEU B 72 11.94 -14.31 28.68
CA LEU B 72 11.82 -15.49 27.83
C LEU B 72 13.01 -15.73 26.91
N ALA B 73 13.67 -14.66 26.42
CA ALA B 73 14.74 -14.83 25.45
C ALA B 73 15.76 -13.71 25.64
N ARG B 74 17.02 -14.06 25.39
CA ARG B 74 18.13 -13.11 25.47
C ARG B 74 19.03 -13.32 24.28
N TYR B 75 19.24 -12.26 23.49
CA TYR B 75 20.14 -12.37 22.34
C TYR B 75 21.37 -11.49 22.55
N PRO B 76 22.56 -11.97 22.17
CA PRO B 76 23.79 -11.22 22.46
C PRO B 76 24.01 -10.00 21.57
N GLN B 77 23.54 -10.08 20.32
CA GLN B 77 23.79 -8.99 19.38
C GLN B 77 22.93 -7.77 19.72
N PRO B 78 23.52 -6.57 19.70
CA PRO B 78 22.76 -5.34 19.97
C PRO B 78 21.98 -4.85 18.76
N MET B 79 21.03 -5.68 18.31
CA MET B 79 20.21 -5.39 17.15
C MET B 79 18.75 -5.57 17.52
N ALA B 80 17.88 -5.36 16.54
CA ALA B 80 16.47 -5.63 16.74
C ALA B 80 16.27 -7.11 17.07
N PRO B 81 15.24 -7.44 17.86
CA PRO B 81 14.98 -8.86 18.15
C PRO B 81 14.92 -9.74 16.92
N ALA B 82 14.27 -9.30 15.85
CA ALA B 82 14.20 -10.11 14.64
C ALA B 82 15.58 -10.28 14.01
N ALA B 83 16.37 -9.21 13.98
CA ALA B 83 17.70 -9.29 13.37
C ALA B 83 18.66 -10.11 14.22
N ALA B 84 18.65 -9.89 15.54
CA ALA B 84 19.51 -10.68 16.42
C ALA B 84 19.12 -12.15 16.39
N ALA B 85 17.83 -12.43 16.25
CA ALA B 85 17.37 -13.81 16.12
C ALA B 85 17.89 -14.45 14.85
N GLU B 86 17.88 -13.70 13.75
CA GLU B 86 18.37 -14.23 12.47
C GLU B 86 19.88 -14.42 12.50
N HIS B 87 20.61 -13.52 13.17
CA HIS B 87 22.06 -13.64 13.25
C HIS B 87 22.48 -14.86 14.05
N ALA B 88 21.69 -15.26 15.03
CA ALA B 88 22.00 -16.43 15.86
C ALA B 88 21.35 -17.70 15.34
N GLY B 89 20.52 -17.62 14.31
CA GLY B 89 19.86 -18.80 13.78
C GLY B 89 18.83 -19.40 14.70
N MET B 90 18.18 -18.58 15.53
CA MET B 90 17.18 -19.04 16.47
C MET B 90 16.00 -18.09 16.46
N ALA B 91 14.80 -18.63 16.34
CA ALA B 91 13.61 -17.81 16.17
C ALA B 91 13.25 -17.10 17.47
N LEU B 92 12.29 -16.18 17.37
CA LEU B 92 11.77 -15.43 18.51
C LEU B 92 10.75 -16.28 19.27
N PRO B 93 10.39 -15.87 20.49
CA PRO B 93 9.29 -16.54 21.19
C PRO B 93 7.98 -16.36 20.45
N ALA B 94 6.98 -17.14 20.87
CA ALA B 94 5.65 -17.07 20.27
C ALA B 94 4.80 -16.02 20.97
N ARG B 95 3.76 -15.57 20.26
CA ARG B 95 2.85 -14.57 20.82
C ARG B 95 2.18 -15.08 22.09
N ASP B 96 1.79 -16.36 22.09
CA ASP B 96 1.15 -16.94 23.26
C ASP B 96 2.10 -17.04 24.45
N GLN B 97 3.38 -17.26 24.19
CA GLN B 97 4.37 -17.32 25.26
C GLN B 97 4.42 -16.00 26.03
N ILE B 98 4.44 -14.88 25.31
CA ILE B 98 4.57 -13.59 25.95
C ILE B 98 3.29 -13.21 26.69
N VAL B 99 2.14 -13.42 26.05
CA VAL B 99 0.87 -13.02 26.65
C VAL B 99 0.60 -13.85 27.89
N ARG B 100 0.77 -15.18 27.80
CA ARG B 100 0.48 -16.04 28.95
C ARG B 100 1.47 -15.81 30.08
N LEU B 101 2.73 -15.51 29.77
CA LEU B 101 3.69 -15.19 30.82
C LEU B 101 3.27 -13.94 31.57
N ILE B 102 2.83 -12.90 30.85
CA ILE B 102 2.40 -11.66 31.48
C ILE B 102 1.12 -11.88 32.27
N ALA B 103 0.16 -12.61 31.70
CA ALA B 103 -1.09 -12.87 32.40
C ALA B 103 -0.87 -13.69 33.67
N ASP B 104 0.11 -14.60 33.66
CA ASP B 104 0.39 -15.38 34.86
C ASP B 104 1.10 -14.55 35.92
N LEU B 105 1.84 -13.52 35.52
CA LEU B 105 2.46 -12.63 36.48
C LEU B 105 1.42 -11.78 37.20
N ASP B 106 0.37 -11.40 36.49
CA ASP B 106 -0.63 -10.48 37.04
C ASP B 106 -1.39 -11.13 38.19
N ARG B 107 -1.54 -10.40 39.28
CA ARG B 107 -2.31 -10.85 40.43
C ARG B 107 -2.82 -9.63 41.17
N PRO B 108 -3.90 -9.77 41.93
CA PRO B 108 -4.46 -8.60 42.63
C PRO B 108 -3.45 -7.97 43.58
N GLY B 109 -3.49 -6.64 43.65
CA GLY B 109 -2.57 -5.89 44.47
C GLY B 109 -1.17 -5.74 43.91
N ARG B 110 -0.89 -6.29 42.73
CA ARG B 110 0.43 -6.25 42.14
C ARG B 110 0.43 -5.32 40.92
N LEU B 111 1.50 -4.54 40.80
CA LEU B 111 1.77 -3.76 39.60
C LEU B 111 2.78 -4.53 38.76
N THR B 112 2.35 -4.98 37.58
CA THR B 112 3.20 -5.73 36.66
C THR B 112 3.62 -4.81 35.52
N LEU B 113 4.93 -4.58 35.41
CA LEU B 113 5.48 -3.75 34.35
C LEU B 113 6.07 -4.64 33.25
N VAL B 114 5.66 -4.37 32.02
CA VAL B 114 6.16 -5.11 30.85
C VAL B 114 7.02 -4.15 30.04
N GLU B 115 8.33 -4.35 30.08
CA GLU B 115 9.26 -3.50 29.34
C GLU B 115 9.47 -4.05 27.93
N GLY B 116 9.26 -3.20 26.93
CA GLY B 116 9.48 -3.61 25.56
C GLY B 116 10.94 -3.48 25.14
N ALA B 117 11.22 -3.99 23.94
CA ALA B 117 12.53 -3.86 23.33
C ALA B 117 12.46 -2.80 22.24
N GLY B 118 13.28 -1.75 22.38
CA GLY B 118 13.20 -0.66 21.42
C GLY B 118 11.88 0.07 21.54
N GLY B 119 11.35 0.51 20.40
CA GLY B 119 10.13 1.28 20.35
C GLY B 119 8.88 0.42 20.29
N LEU B 120 7.74 1.10 20.12
CA LEU B 120 6.44 0.45 20.26
C LEU B 120 6.20 -0.57 19.16
N LEU B 121 6.60 -0.27 17.92
CA LEU B 121 6.30 -1.13 16.79
C LEU B 121 7.43 -2.11 16.47
N VAL B 122 8.28 -2.42 17.45
CA VAL B 122 9.33 -3.40 17.26
C VAL B 122 8.72 -4.80 17.33
N GLU B 123 9.13 -5.67 16.41
CA GLU B 123 8.65 -7.05 16.41
C GLU B 123 9.25 -7.80 17.59
N LEU B 124 8.39 -8.31 18.47
CA LEU B 124 8.82 -9.13 19.59
C LEU B 124 8.54 -10.61 19.39
N ALA B 125 7.60 -10.96 18.51
CA ALA B 125 7.25 -12.34 18.25
C ALA B 125 6.80 -12.47 16.80
N GLU B 126 6.97 -13.66 16.24
CA GLU B 126 6.53 -13.90 14.87
C GLU B 126 5.04 -14.21 14.84
N PRO B 127 4.32 -13.76 13.79
CA PRO B 127 4.83 -12.93 12.70
C PRO B 127 4.48 -11.45 12.84
N GLY B 128 5.48 -10.62 13.13
CA GLY B 128 5.25 -9.20 13.24
C GLY B 128 4.44 -8.78 14.45
N VAL B 129 4.53 -9.53 15.55
CA VAL B 129 3.81 -9.18 16.77
C VAL B 129 4.63 -8.16 17.55
N THR B 130 3.98 -7.09 17.97
CA THR B 130 4.63 -5.99 18.67
C THR B 130 4.13 -5.92 20.11
N LEU B 131 4.77 -5.03 20.88
CA LEU B 131 4.31 -4.75 22.23
C LEU B 131 2.90 -4.17 22.22
N ARG B 132 2.54 -3.44 21.17
CA ARG B 132 1.19 -2.92 21.06
C ARG B 132 0.17 -4.05 20.97
N ASP B 133 0.47 -5.08 20.18
CA ASP B 133 -0.40 -6.25 20.11
C ASP B 133 -0.53 -6.92 21.47
N VAL B 134 0.59 -7.03 22.20
CA VAL B 134 0.57 -7.64 23.52
C VAL B 134 -0.31 -6.82 24.48
N ALA B 135 -0.19 -5.50 24.42
CA ALA B 135 -1.00 -4.65 25.29
C ALA B 135 -2.49 -4.86 25.04
N VAL B 136 -2.87 -5.10 23.77
CA VAL B 136 -4.27 -5.37 23.46
C VAL B 136 -4.71 -6.68 24.08
N ASP B 137 -3.88 -7.72 23.98
CA ASP B 137 -4.27 -9.03 24.49
C ASP B 137 -4.47 -9.02 26.00
N VAL B 138 -3.56 -8.39 26.74
CA VAL B 138 -3.62 -8.37 28.20
C VAL B 138 -4.38 -7.16 28.72
N ALA B 139 -4.96 -6.35 27.83
CA ALA B 139 -5.78 -5.19 28.21
C ALA B 139 -4.99 -4.21 29.08
N ALA B 140 -3.73 -3.98 28.73
CA ALA B 140 -2.86 -3.10 29.50
C ALA B 140 -2.80 -1.71 28.87
N ALA B 141 -2.61 -0.70 29.72
CA ALA B 141 -2.30 0.64 29.25
C ALA B 141 -0.81 0.76 29.00
N ALA B 142 -0.41 1.86 28.35
CA ALA B 142 0.96 2.06 27.91
C ALA B 142 1.55 3.30 28.56
N LEU B 143 2.68 3.13 29.23
CA LEU B 143 3.51 4.23 29.70
C LEU B 143 4.62 4.45 28.70
N VAL B 144 4.76 5.68 28.22
CA VAL B 144 5.66 6.00 27.11
C VAL B 144 6.85 6.78 27.66
N VAL B 145 8.04 6.21 27.52
CA VAL B 145 9.28 6.87 27.91
C VAL B 145 9.77 7.72 26.75
N VAL B 146 10.05 9.00 27.01
CA VAL B 146 10.48 9.93 26.00
C VAL B 146 11.76 10.62 26.47
N THR B 147 12.44 11.27 25.53
CA THR B 147 13.58 12.11 25.86
C THR B 147 13.16 13.57 25.88
N ALA B 148 14.09 14.42 26.31
CA ALA B 148 13.87 15.86 26.34
C ALA B 148 14.60 16.57 25.20
N ASP B 149 15.20 15.82 24.28
CA ASP B 149 16.05 16.38 23.24
C ASP B 149 15.24 16.76 22.00
N LEU B 150 15.89 17.49 21.10
CA LEU B 150 15.26 17.91 19.86
C LEU B 150 14.80 16.70 19.06
N GLY B 151 13.55 16.71 18.63
CA GLY B 151 12.96 15.60 17.89
C GLY B 151 12.00 14.77 18.70
N THR B 152 11.96 14.94 20.03
CA THR B 152 11.11 14.10 20.87
C THR B 152 9.63 14.39 20.64
N LEU B 153 9.29 15.59 20.18
CA LEU B 153 7.88 15.94 19.99
C LEU B 153 7.25 15.12 18.87
N ASN B 154 7.96 15.01 17.74
CA ASN B 154 7.45 14.20 16.63
C ASN B 154 7.37 12.73 17.01
N HIS B 155 8.41 12.22 17.69
CA HIS B 155 8.42 10.80 18.05
C HIS B 155 7.34 10.47 19.08
N THR B 156 7.10 11.38 20.02
CA THR B 156 6.04 11.17 21.00
C THR B 156 4.68 11.16 20.33
N LYS B 157 4.42 12.12 19.44
CA LYS B 157 3.14 12.16 18.75
C LYS B 157 2.93 10.92 17.89
N LEU B 158 3.97 10.48 17.18
CA LEU B 158 3.87 9.26 16.40
C LEU B 158 3.53 8.06 17.28
N THR B 159 4.14 7.98 18.46
CA THR B 159 3.88 6.84 19.35
C THR B 159 2.47 6.88 19.90
N LEU B 160 2.01 8.07 20.34
CA LEU B 160 0.67 8.18 20.91
C LEU B 160 -0.40 7.89 19.86
N GLU B 161 -0.17 8.31 18.61
CA GLU B 161 -1.12 8.01 17.55
C GLU B 161 -1.18 6.51 17.29
N ALA B 162 -0.03 5.82 17.35
CA ALA B 162 -0.02 4.37 17.17
C ALA B 162 -0.78 3.68 18.29
N LEU B 163 -0.66 4.19 19.52
CA LEU B 163 -1.41 3.63 20.64
C LEU B 163 -2.91 3.80 20.42
N ALA B 164 -3.33 5.01 20.06
CA ALA B 164 -4.76 5.27 19.87
C ALA B 164 -5.33 4.50 18.69
N ALA B 165 -4.49 4.16 17.70
CA ALA B 165 -4.98 3.41 16.55
C ALA B 165 -5.48 2.03 16.92
N GLN B 166 -4.98 1.47 18.02
CA GLN B 166 -5.42 0.17 18.52
C GLN B 166 -6.17 0.30 19.84
N GLN B 167 -6.61 1.51 20.19
CA GLN B 167 -7.38 1.77 21.41
C GLN B 167 -6.62 1.36 22.67
N VAL B 168 -5.29 1.45 22.64
CA VAL B 168 -4.48 1.20 23.82
C VAL B 168 -4.36 2.52 24.59
N SER B 169 -4.92 2.54 25.79
CA SER B 169 -4.92 3.77 26.59
C SER B 169 -3.49 4.14 26.99
N CYS B 170 -3.23 5.44 27.05
CA CYS B 170 -1.91 5.95 27.41
C CYS B 170 -1.94 6.36 28.88
N ALA B 171 -1.05 5.76 29.68
CA ALA B 171 -0.97 6.07 31.09
C ALA B 171 -0.15 7.32 31.39
N GLY B 172 0.46 7.92 30.38
CA GLY B 172 1.22 9.14 30.52
C GLY B 172 2.61 8.99 29.94
N LEU B 173 3.42 10.03 30.13
CA LEU B 173 4.79 10.07 29.66
C LEU B 173 5.75 10.14 30.83
N VAL B 174 6.97 9.66 30.61
CA VAL B 174 8.09 9.82 31.54
C VAL B 174 9.31 10.23 30.73
N ILE B 175 9.93 11.33 31.13
CA ILE B 175 11.20 11.75 30.52
C ILE B 175 12.31 10.92 31.12
N GLY B 176 12.99 10.13 30.27
CA GLY B 176 13.97 9.17 30.77
C GLY B 176 15.23 9.82 31.34
N SER B 177 15.58 11.00 30.85
CA SER B 177 16.78 11.69 31.31
C SER B 177 16.56 13.19 31.22
N TRP B 178 16.53 13.86 32.37
CA TRP B 178 16.37 15.30 32.41
C TRP B 178 17.74 15.95 32.55
N PRO B 179 18.17 16.76 31.58
CA PRO B 179 19.54 17.28 31.64
C PRO B 179 19.70 18.37 32.68
N ASP B 180 20.96 18.59 33.07
CA ASP B 180 21.30 19.65 34.01
C ASP B 180 22.61 20.30 33.60
N PRO B 181 22.61 21.58 33.23
CA PRO B 181 21.41 22.43 33.14
C PRO B 181 20.53 22.06 31.95
N PRO B 182 19.21 22.29 32.07
CA PRO B 182 18.28 21.86 31.01
C PRO B 182 18.64 22.41 29.63
N GLY B 183 18.58 23.72 29.47
CA GLY B 183 18.78 24.36 28.19
C GLY B 183 17.46 24.78 27.56
N LEU B 184 17.59 25.53 26.45
CA LEU B 184 16.41 26.10 25.81
C LEU B 184 15.51 25.01 25.25
N VAL B 185 16.06 24.09 24.47
CA VAL B 185 15.25 23.07 23.82
C VAL B 185 14.61 22.14 24.84
N ALA B 186 15.39 21.68 25.82
CA ALA B 186 14.87 20.77 26.83
C ALA B 186 13.75 21.42 27.64
N ALA B 187 13.96 22.66 28.08
CA ALA B 187 12.94 23.35 28.86
C ALA B 187 11.66 23.56 28.04
N SER B 188 11.81 23.89 26.75
CA SER B 188 10.65 24.06 25.90
C SER B 188 9.93 22.74 25.66
N ASN B 189 10.69 21.66 25.46
CA ASN B 189 10.08 20.37 25.19
C ASN B 189 9.25 19.89 26.37
N ARG B 190 9.72 20.11 27.60
CA ARG B 190 8.97 19.65 28.77
C ARG B 190 7.62 20.31 28.86
N SER B 191 7.54 21.59 28.50
N SER B 191 7.54 21.59 28.49
CA SER B 191 6.25 22.28 28.50
CA SER B 191 6.24 22.28 28.50
C SER B 191 5.36 21.76 27.38
C SER B 191 5.36 21.79 27.37
N ALA B 192 5.94 21.49 26.21
CA ALA B 192 5.14 21.02 25.08
C ALA B 192 4.69 19.58 25.28
N LEU B 193 5.53 18.76 25.91
CA LEU B 193 5.14 17.37 26.19
C LEU B 193 3.95 17.32 27.13
N ALA B 194 3.88 18.22 28.10
CA ALA B 194 2.74 18.25 29.01
C ALA B 194 1.45 18.63 28.29
N ARG B 195 1.55 19.40 27.21
CA ARG B 195 0.37 19.72 26.41
C ARG B 195 -0.13 18.52 25.62
N ILE B 196 0.73 17.55 25.36
CA ILE B 196 0.33 16.36 24.60
C ILE B 196 -0.21 15.28 25.51
N ALA B 197 0.44 15.04 26.65
CA ALA B 197 0.01 14.01 27.58
C ALA B 197 0.54 14.33 28.96
N MET B 198 0.06 13.59 29.94
CA MET B 198 0.48 13.79 31.33
C MET B 198 1.94 13.37 31.50
N VAL B 199 2.76 14.26 32.03
CA VAL B 199 4.16 13.97 32.30
C VAL B 199 4.24 13.46 33.73
N ARG B 200 4.40 12.15 33.89
CA ARG B 200 4.38 11.55 35.21
C ARG B 200 5.67 11.83 35.99
N ALA B 201 6.80 11.89 35.31
CA ALA B 201 8.07 12.15 35.96
C ALA B 201 9.11 12.50 34.92
N ALA B 202 10.22 13.09 35.39
CA ALA B 202 11.39 13.37 34.57
C ALA B 202 12.61 12.97 35.40
N LEU B 203 13.17 11.81 35.11
CA LEU B 203 14.27 11.29 35.90
C LEU B 203 15.55 12.10 35.62
N PRO B 204 16.27 12.53 36.65
CA PRO B 204 17.49 13.30 36.42
C PRO B 204 18.52 12.50 35.65
N ALA B 205 19.32 13.20 34.85
CA ALA B 205 20.40 12.56 34.12
C ALA B 205 21.40 11.94 35.08
N GLY B 206 21.88 10.74 34.74
CA GLY B 206 22.79 10.02 35.59
C GLY B 206 22.15 9.17 36.66
N ALA B 207 20.81 9.11 36.71
CA ALA B 207 20.12 8.33 37.73
C ALA B 207 20.40 6.84 37.61
N ALA B 208 20.76 6.36 36.42
CA ALA B 208 21.03 4.94 36.24
C ALA B 208 22.29 4.49 36.97
N SER B 209 23.15 5.43 37.39
CA SER B 209 24.39 5.10 38.06
C SER B 209 24.30 5.22 39.59
N LEU B 210 23.11 5.52 40.12
CA LEU B 210 22.97 5.64 41.57
C LEU B 210 23.03 4.28 42.24
N ASP B 211 23.52 4.27 43.48
CA ASP B 211 23.40 3.09 44.32
C ASP B 211 21.93 2.85 44.67
N ALA B 212 21.66 1.66 45.22
CA ALA B 212 20.27 1.26 45.48
C ALA B 212 19.58 2.23 46.42
N GLY B 213 20.27 2.68 47.47
CA GLY B 213 19.66 3.60 48.41
C GLY B 213 19.36 4.94 47.79
N ASP B 214 20.32 5.51 47.06
CA ASP B 214 20.11 6.80 46.43
C ASP B 214 19.05 6.73 45.34
N PHE B 215 19.01 5.63 44.59
CA PHE B 215 18.01 5.47 43.54
C PHE B 215 16.61 5.41 44.13
N ALA B 216 16.46 4.78 45.31
CA ALA B 216 15.14 4.70 45.93
C ALA B 216 14.66 6.07 46.38
N ALA B 217 15.57 6.92 46.87
CA ALA B 217 15.17 8.27 47.27
C ALA B 217 14.77 9.11 46.06
N MET B 218 15.54 9.01 44.97
CA MET B 218 15.18 9.72 43.74
C MET B 218 13.82 9.27 43.23
N SER B 219 13.56 7.96 43.22
CA SER B 219 12.32 7.44 42.67
C SER B 219 11.11 7.91 43.47
N ALA B 220 11.23 7.94 44.79
CA ALA B 220 10.11 8.37 45.62
C ALA B 220 9.77 9.84 45.40
N ALA B 221 10.76 10.64 44.99
CA ALA B 221 10.53 12.06 44.75
C ALA B 221 10.18 12.38 43.31
N ALA B 222 10.46 11.46 42.37
CA ALA B 222 10.25 11.75 40.95
C ALA B 222 8.78 11.66 40.57
N PHE B 223 8.06 10.70 41.14
CA PHE B 223 6.66 10.47 40.78
C PHE B 223 5.73 11.07 41.84
N ASP B 224 4.53 11.43 41.41
CA ASP B 224 3.49 11.84 42.34
C ASP B 224 3.04 10.63 43.15
N ARG B 225 3.11 10.76 44.49
CA ARG B 225 2.80 9.62 45.34
C ARG B 225 1.34 9.20 45.23
N ASN B 226 0.45 10.16 44.93
CA ASN B 226 -0.96 9.82 44.81
C ASN B 226 -1.24 9.05 43.52
N TRP B 227 -0.57 9.40 42.42
CA TRP B 227 -0.76 8.67 41.18
C TRP B 227 -0.22 7.25 41.27
N VAL B 228 0.94 7.08 41.91
CA VAL B 228 1.52 5.75 42.06
C VAL B 228 0.63 4.88 42.94
N ALA B 229 0.14 5.45 44.05
CA ALA B 229 -0.72 4.69 44.95
C ALA B 229 -2.03 4.28 44.28
N GLY B 230 -2.53 5.10 43.36
CA GLY B 230 -3.75 4.80 42.65
C GLY B 230 -3.58 3.85 41.48
N LEU B 231 -2.40 3.29 41.27
CA LEU B 231 -2.18 2.41 40.13
C LEU B 231 -2.85 1.04 40.33
N VAL B 232 -2.96 0.59 41.57
CA VAL B 232 -3.59 -0.71 41.86
C VAL B 232 -4.75 -0.54 42.83
N GLY C 7 19.52 -15.84 -4.04
CA GLY C 7 18.68 -17.00 -3.79
C GLY C 7 18.41 -17.82 -5.05
N GLY C 8 17.16 -18.24 -5.22
CA GLY C 8 16.77 -19.00 -6.39
C GLY C 8 15.90 -18.21 -7.34
N THR C 9 14.92 -18.88 -7.95
CA THR C 9 13.99 -18.25 -8.88
C THR C 9 12.63 -18.13 -8.22
N ILE C 10 12.18 -16.90 -8.01
CA ILE C 10 10.84 -16.61 -7.52
C ILE C 10 9.97 -16.27 -8.71
N LEU C 11 8.79 -16.89 -8.79
CA LEU C 11 7.85 -16.67 -9.87
C LEU C 11 6.46 -16.52 -9.26
N VAL C 12 5.87 -15.34 -9.42
CA VAL C 12 4.51 -15.13 -8.95
C VAL C 12 3.55 -15.64 -10.02
N VAL C 13 2.49 -16.31 -9.58
CA VAL C 13 1.49 -16.86 -10.46
C VAL C 13 0.19 -16.11 -10.17
N THR C 14 -0.16 -15.20 -11.05
CA THR C 14 -1.38 -14.43 -10.95
C THR C 14 -2.38 -14.92 -12.00
N GLY C 15 -3.47 -14.18 -12.14
CA GLY C 15 -4.46 -14.52 -13.15
C GLY C 15 -5.28 -13.30 -13.51
N THR C 16 -6.05 -13.45 -14.59
CA THR C 16 -6.96 -12.37 -15.00
C THR C 16 -8.06 -12.13 -13.98
N GLY C 17 -8.32 -13.09 -13.11
CA GLY C 17 -9.33 -12.94 -12.08
C GLY C 17 -9.35 -14.09 -11.11
N THR C 18 -10.52 -14.44 -10.60
CA THR C 18 -10.67 -15.57 -9.69
C THR C 18 -11.39 -16.70 -10.40
N GLY C 19 -11.02 -17.94 -10.03
CA GLY C 19 -11.58 -19.11 -10.68
C GLY C 19 -11.08 -19.35 -12.08
N VAL C 20 -9.92 -18.79 -12.44
CA VAL C 20 -9.38 -18.95 -13.78
C VAL C 20 -8.37 -20.09 -13.88
N GLY C 21 -7.93 -20.65 -12.75
CA GLY C 21 -7.03 -21.79 -12.79
C GLY C 21 -5.68 -21.55 -12.17
N LYS C 22 -5.55 -20.52 -11.33
CA LYS C 22 -4.27 -20.23 -10.69
C LYS C 22 -3.77 -21.43 -9.90
N THR C 23 -4.66 -22.09 -9.16
CA THR C 23 -4.25 -23.19 -8.30
C THR C 23 -3.80 -24.40 -9.12
N VAL C 24 -4.58 -24.76 -10.15
CA VAL C 24 -4.22 -25.93 -10.94
C VAL C 24 -2.95 -25.68 -11.74
N VAL C 25 -2.72 -24.43 -12.18
CA VAL C 25 -1.50 -24.10 -12.91
C VAL C 25 -0.29 -24.20 -11.98
N CYS C 26 -0.44 -23.73 -10.74
CA CYS C 26 0.65 -23.87 -9.76
C CYS C 26 1.01 -25.33 -9.54
N ALA C 27 -0.01 -26.19 -9.40
CA ALA C 27 0.25 -27.61 -9.20
C ALA C 27 0.90 -28.25 -10.43
N ALA C 28 0.41 -27.88 -11.62
CA ALA C 28 0.95 -28.46 -12.85
C ALA C 28 2.41 -28.04 -13.06
N LEU C 29 2.70 -26.75 -12.90
CA LEU C 29 4.08 -26.29 -13.08
C LEU C 29 5.00 -26.87 -12.02
N ALA C 30 4.51 -27.02 -10.78
CA ALA C 30 5.33 -27.62 -9.73
C ALA C 30 5.62 -29.08 -10.04
N SER C 31 4.64 -29.80 -10.60
CA SER C 31 4.85 -31.21 -10.94
C SER C 31 5.84 -31.35 -12.08
N ALA C 32 5.72 -30.50 -13.11
CA ALA C 32 6.63 -30.59 -14.25
C ALA C 32 8.06 -30.25 -13.85
N ALA C 33 8.23 -29.24 -13.00
CA ALA C 33 9.57 -28.88 -12.53
C ALA C 33 10.14 -29.96 -11.62
N ARG C 34 9.28 -30.58 -10.80
CA ARG C 34 9.73 -31.67 -9.94
C ARG C 34 10.25 -32.84 -10.78
N GLN C 35 9.53 -33.18 -11.85
CA GLN C 35 10.00 -34.22 -12.76
C GLN C 35 11.24 -33.80 -13.53
N ALA C 36 11.49 -32.49 -13.64
CA ALA C 36 12.73 -32.00 -14.23
C ALA C 36 13.88 -31.98 -13.24
N GLY C 37 13.69 -32.52 -12.04
CA GLY C 37 14.73 -32.54 -11.03
C GLY C 37 14.94 -31.24 -10.31
N ILE C 38 13.92 -30.39 -10.22
CA ILE C 38 14.03 -29.07 -9.63
C ILE C 38 13.32 -29.07 -8.29
N ASP C 39 14.00 -28.53 -7.26
CA ASP C 39 13.37 -28.34 -5.96
C ASP C 39 12.34 -27.22 -6.06
N VAL C 40 11.09 -27.52 -5.69
CA VAL C 40 9.98 -26.60 -5.87
C VAL C 40 9.27 -26.39 -4.53
N ALA C 41 8.94 -25.14 -4.23
CA ALA C 41 8.07 -24.78 -3.13
C ALA C 41 6.94 -23.90 -3.67
N VAL C 42 5.78 -23.99 -3.02
CA VAL C 42 4.61 -23.23 -3.42
C VAL C 42 4.13 -22.43 -2.22
N CYS C 43 3.87 -21.14 -2.44
CA CYS C 43 3.49 -20.21 -1.38
C CYS C 43 2.15 -19.57 -1.73
N LYS C 44 1.25 -19.50 -0.74
CA LYS C 44 -0.03 -18.81 -0.88
C LYS C 44 -0.13 -17.83 0.29
N PRO C 45 0.39 -16.63 0.13
CA PRO C 45 0.47 -15.71 1.29
C PRO C 45 -0.87 -15.34 1.88
N VAL C 46 -1.90 -15.19 1.04
CA VAL C 46 -3.24 -14.85 1.51
C VAL C 46 -4.21 -15.85 0.91
N GLN C 47 -5.04 -16.46 1.77
CA GLN C 47 -6.00 -17.48 1.36
C GLN C 47 -7.35 -17.16 1.97
N THR C 48 -8.34 -16.87 1.13
CA THR C 48 -9.71 -16.68 1.56
C THR C 48 -10.56 -17.86 1.13
N GLY C 49 -11.79 -17.92 1.66
CA GLY C 49 -12.71 -18.96 1.28
C GLY C 49 -12.59 -20.27 2.03
N THR C 50 -11.97 -20.27 3.22
CA THR C 50 -11.87 -21.51 3.97
C THR C 50 -13.25 -21.99 4.43
N ALA C 51 -14.17 -21.06 4.69
CA ALA C 51 -15.54 -21.46 5.02
C ALA C 51 -16.20 -22.21 3.87
N ARG C 52 -15.78 -21.94 2.63
CA ARG C 52 -16.28 -22.67 1.48
C ARG C 52 -15.54 -23.99 1.27
N GLY C 53 -14.42 -24.20 1.97
CA GLY C 53 -13.60 -25.38 1.79
C GLY C 53 -12.34 -25.16 0.98
N ASP C 54 -12.09 -23.93 0.54
CA ASP C 54 -10.92 -23.65 -0.29
C ASP C 54 -9.64 -23.78 0.50
N ASP C 55 -8.67 -24.51 -0.05
CA ASP C 55 -7.31 -24.56 0.49
C ASP C 55 -6.39 -24.89 -0.68
N ASP C 56 -5.85 -23.84 -1.31
CA ASP C 56 -5.07 -24.02 -2.52
C ASP C 56 -3.76 -24.75 -2.24
N LEU C 57 -3.12 -24.46 -1.10
CA LEU C 57 -1.89 -25.17 -0.74
C LEU C 57 -2.16 -26.66 -0.54
N ALA C 58 -3.27 -26.99 0.14
CA ALA C 58 -3.62 -28.40 0.30
C ALA C 58 -3.95 -29.05 -1.04
N GLU C 59 -4.52 -28.28 -1.97
CA GLU C 59 -4.84 -28.83 -3.29
C GLU C 59 -3.58 -29.05 -4.12
N VAL C 60 -2.59 -28.15 -3.99
CA VAL C 60 -1.35 -28.30 -4.72
C VAL C 60 -0.58 -29.54 -4.26
N GLY C 61 -0.43 -29.70 -2.94
CA GLY C 61 0.25 -30.87 -2.43
C GLY C 61 -0.45 -32.17 -2.78
N ARG C 62 -1.77 -32.12 -2.94
CA ARG C 62 -2.52 -33.32 -3.31
C ARG C 62 -2.30 -33.68 -4.78
N LEU C 63 -2.26 -32.67 -5.66
CA LEU C 63 -2.16 -32.93 -7.09
C LEU C 63 -0.72 -33.20 -7.53
N ALA C 64 0.24 -32.44 -7.01
CA ALA C 64 1.62 -32.52 -7.46
C ALA C 64 2.54 -33.22 -6.46
N GLY C 65 2.10 -33.45 -5.24
CA GLY C 65 2.94 -34.08 -4.24
C GLY C 65 3.97 -33.16 -3.62
N VAL C 66 3.70 -31.87 -3.57
CA VAL C 66 4.61 -30.91 -2.98
C VAL C 66 4.37 -30.83 -1.49
N THR C 67 5.41 -31.06 -0.70
CA THR C 67 5.33 -30.92 0.75
C THR C 67 5.83 -29.57 1.25
N GLN C 68 6.68 -28.89 0.47
CA GLN C 68 7.19 -27.58 0.85
C GLN C 68 6.16 -26.52 0.47
N LEU C 69 5.18 -26.36 1.35
CA LEU C 69 4.08 -25.42 1.19
C LEU C 69 4.10 -24.41 2.32
N ALA C 70 3.77 -23.17 2.02
CA ALA C 70 3.85 -22.10 3.02
C ALA C 70 2.67 -21.14 2.86
N GLY C 71 1.98 -20.89 3.97
CA GLY C 71 0.94 -19.89 4.02
C GLY C 71 1.23 -18.85 5.09
N LEU C 72 0.33 -17.87 5.16
CA LEU C 72 0.46 -16.80 6.15
C LEU C 72 -0.89 -16.37 6.69
N ALA C 73 -1.71 -15.76 5.85
CA ALA C 73 -3.04 -15.30 6.25
C ALA C 73 -4.11 -16.22 5.68
N ARG C 74 -5.11 -16.52 6.51
CA ARG C 74 -6.24 -17.35 6.10
C ARG C 74 -7.52 -16.74 6.64
N TYR C 75 -8.52 -16.62 5.78
CA TYR C 75 -9.78 -16.00 6.14
C TYR C 75 -10.95 -16.87 5.70
N PRO C 76 -12.06 -16.87 6.45
CA PRO C 76 -13.16 -17.80 6.16
C PRO C 76 -13.95 -17.48 4.90
N GLN C 77 -14.49 -16.28 4.80
CA GLN C 77 -15.46 -15.99 3.75
C GLN C 77 -14.77 -15.89 2.39
N PRO C 78 -15.41 -16.41 1.32
CA PRO C 78 -14.83 -16.34 -0.03
C PRO C 78 -15.05 -14.98 -0.68
N MET C 79 -14.31 -14.00 -0.18
CA MET C 79 -14.39 -12.62 -0.67
C MET C 79 -12.99 -12.09 -0.95
N ALA C 80 -12.89 -10.81 -1.28
CA ALA C 80 -11.59 -10.17 -1.36
C ALA C 80 -10.91 -10.23 0.00
N PRO C 81 -9.57 -10.35 0.04
CA PRO C 81 -8.87 -10.38 1.33
C PRO C 81 -9.27 -9.27 2.28
N ALA C 82 -9.38 -8.03 1.80
CA ALA C 82 -9.78 -6.93 2.67
C ALA C 82 -11.19 -7.14 3.21
N ALA C 83 -12.11 -7.62 2.36
CA ALA C 83 -13.47 -7.85 2.81
C ALA C 83 -13.55 -9.03 3.76
N ALA C 84 -12.84 -10.13 3.43
CA ALA C 84 -12.87 -11.29 4.30
C ALA C 84 -12.21 -11.01 5.65
N ALA C 85 -11.18 -10.18 5.66
CA ALA C 85 -10.54 -9.82 6.93
C ALA C 85 -11.48 -8.98 7.80
N GLU C 86 -12.18 -8.03 7.19
CA GLU C 86 -13.13 -7.22 7.94
C GLU C 86 -14.29 -8.07 8.46
N HIS C 87 -14.77 -9.00 7.65
CA HIS C 87 -15.86 -9.87 8.08
C HIS C 87 -15.43 -10.75 9.25
N ALA C 88 -14.16 -11.15 9.29
CA ALA C 88 -13.64 -11.98 10.36
C ALA C 88 -13.10 -11.16 11.53
N GLY C 89 -13.21 -9.84 11.48
CA GLY C 89 -12.71 -9.01 12.56
C GLY C 89 -11.21 -8.96 12.67
N MET C 90 -10.49 -9.35 11.61
CA MET C 90 -9.04 -9.38 11.60
C MET C 90 -8.49 -8.35 10.62
N ALA C 91 -7.18 -8.16 10.68
CA ALA C 91 -6.49 -7.24 9.78
C ALA C 91 -5.76 -8.02 8.69
N LEU C 92 -5.42 -7.30 7.61
CA LEU C 92 -4.63 -7.88 6.56
C LEU C 92 -3.21 -8.17 7.04
N PRO C 93 -2.52 -9.11 6.42
CA PRO C 93 -1.12 -9.37 6.79
C PRO C 93 -0.24 -8.17 6.44
N ALA C 94 0.80 -7.98 7.23
CA ALA C 94 1.73 -6.89 6.99
C ALA C 94 2.54 -7.14 5.72
N ARG C 95 2.96 -6.06 5.09
CA ARG C 95 3.71 -6.18 3.83
C ARG C 95 5.04 -6.88 4.06
N ASP C 96 5.77 -6.51 5.11
CA ASP C 96 7.07 -7.13 5.36
C ASP C 96 6.94 -8.60 5.73
N GLN C 97 5.80 -9.02 6.28
CA GLN C 97 5.61 -10.43 6.60
C GLN C 97 5.36 -11.26 5.34
N ILE C 98 4.70 -10.68 4.33
CA ILE C 98 4.55 -11.37 3.06
C ILE C 98 5.92 -11.54 2.39
N VAL C 99 6.73 -10.48 2.38
CA VAL C 99 8.05 -10.55 1.78
C VAL C 99 8.94 -11.52 2.54
N ARG C 100 8.88 -11.50 3.89
CA ARG C 100 9.69 -12.41 4.69
C ARG C 100 9.31 -13.86 4.40
N LEU C 101 8.02 -14.16 4.30
CA LEU C 101 7.59 -15.52 4.03
C LEU C 101 8.16 -16.02 2.70
N ILE C 102 8.18 -15.15 1.69
CA ILE C 102 8.74 -15.53 0.39
C ILE C 102 10.26 -15.61 0.48
N ALA C 103 10.89 -14.67 1.17
CA ALA C 103 12.35 -14.65 1.27
C ALA C 103 12.87 -15.88 2.01
N ASP C 104 12.21 -16.26 3.10
CA ASP C 104 12.63 -17.46 3.85
C ASP C 104 12.50 -18.71 3.00
N LEU C 105 11.48 -18.76 2.13
CA LEU C 105 11.28 -19.91 1.27
C LEU C 105 12.29 -19.95 0.13
N ASP C 106 12.75 -18.79 -0.32
CA ASP C 106 13.65 -18.72 -1.46
C ASP C 106 15.05 -19.19 -1.09
N ARG C 107 15.62 -20.06 -1.91
N ARG C 107 15.62 -20.07 -1.90
CA ARG C 107 16.97 -20.55 -1.71
CA ARG C 107 16.97 -20.58 -1.71
C ARG C 107 17.53 -20.99 -3.05
C ARG C 107 17.53 -20.98 -3.06
N PRO C 108 18.86 -21.00 -3.21
CA PRO C 108 19.44 -21.34 -4.53
C PRO C 108 19.04 -22.73 -5.00
N GLY C 109 18.80 -22.85 -6.30
CA GLY C 109 18.36 -24.08 -6.90
C GLY C 109 16.88 -24.38 -6.75
N ARG C 110 16.11 -23.47 -6.17
CA ARG C 110 14.70 -23.70 -5.88
C ARG C 110 13.82 -22.79 -6.74
N LEU C 111 12.75 -23.36 -7.29
CA LEU C 111 11.69 -22.61 -7.94
C LEU C 111 10.57 -22.41 -6.93
N THR C 112 10.38 -21.17 -6.49
CA THR C 112 9.34 -20.83 -5.52
C THR C 112 8.21 -20.12 -6.25
N LEU C 113 7.06 -20.76 -6.32
CA LEU C 113 5.86 -20.19 -6.93
C LEU C 113 4.99 -19.59 -5.83
N VAL C 114 4.72 -18.30 -5.94
CA VAL C 114 3.85 -17.61 -4.99
C VAL C 114 2.53 -17.32 -5.71
N GLU C 115 1.45 -17.88 -5.19
CA GLU C 115 0.14 -17.75 -5.80
C GLU C 115 -0.61 -16.58 -5.16
N GLY C 116 -1.09 -15.66 -6.00
CA GLY C 116 -1.84 -14.54 -5.50
C GLY C 116 -3.27 -14.91 -5.15
N ALA C 117 -3.98 -13.94 -4.56
CA ALA C 117 -5.39 -14.07 -4.27
C ALA C 117 -6.17 -13.25 -5.29
N GLY C 118 -7.06 -13.90 -6.03
CA GLY C 118 -7.77 -13.21 -7.09
C GLY C 118 -6.81 -12.74 -8.17
N GLY C 119 -7.09 -11.56 -8.70
CA GLY C 119 -6.33 -11.00 -9.81
C GLY C 119 -5.09 -10.27 -9.36
N LEU C 120 -4.45 -9.59 -10.33
CA LEU C 120 -3.15 -8.99 -10.09
C LEU C 120 -3.22 -7.82 -9.13
N LEU C 121 -4.25 -6.98 -9.25
CA LEU C 121 -4.33 -5.74 -8.47
C LEU C 121 -5.15 -5.91 -7.20
N VAL C 122 -5.36 -7.14 -6.74
CA VAL C 122 -6.07 -7.38 -5.48
C VAL C 122 -5.21 -6.94 -4.32
N GLU C 123 -5.82 -6.24 -3.36
CA GLU C 123 -5.10 -5.78 -2.18
C GLU C 123 -4.77 -6.97 -1.28
N LEU C 124 -3.48 -7.24 -1.09
CA LEU C 124 -3.03 -8.28 -0.19
C LEU C 124 -2.56 -7.75 1.17
N ALA C 125 -2.12 -6.49 1.21
CA ALA C 125 -1.64 -5.89 2.44
C ALA C 125 -1.98 -4.40 2.44
N GLU C 126 -2.09 -3.84 3.64
CA GLU C 126 -2.38 -2.43 3.81
C GLU C 126 -1.15 -1.59 3.51
N PRO C 127 -1.30 -0.46 2.80
CA PRO C 127 -2.53 0.02 2.17
C PRO C 127 -2.50 -0.13 0.65
N GLY C 128 -3.31 -1.04 0.11
CA GLY C 128 -3.34 -1.24 -1.33
C GLY C 128 -2.11 -1.93 -1.88
N VAL C 129 -1.42 -2.73 -1.08
CA VAL C 129 -0.27 -3.48 -1.55
C VAL C 129 -0.77 -4.72 -2.30
N THR C 130 -0.27 -4.90 -3.52
CA THR C 130 -0.74 -5.95 -4.43
C THR C 130 0.37 -6.95 -4.68
N LEU C 131 0.01 -8.02 -5.41
CA LEU C 131 1.00 -8.99 -5.83
C LEU C 131 2.03 -8.38 -6.77
N ARG C 132 1.63 -7.33 -7.51
CA ARG C 132 2.58 -6.66 -8.39
C ARG C 132 3.67 -5.95 -7.59
N ASP C 133 3.30 -5.29 -6.49
CA ASP C 133 4.30 -4.67 -5.62
C ASP C 133 5.24 -5.72 -5.04
N VAL C 134 4.69 -6.87 -4.63
CA VAL C 134 5.51 -7.94 -4.06
C VAL C 134 6.46 -8.49 -5.11
N ALA C 135 5.99 -8.66 -6.34
CA ALA C 135 6.86 -9.13 -7.42
C ALA C 135 8.05 -8.20 -7.62
N VAL C 136 7.84 -6.89 -7.44
CA VAL C 136 8.96 -5.95 -7.56
C VAL C 136 9.90 -6.08 -6.37
N ASP C 137 9.34 -6.30 -5.16
CA ASP C 137 10.16 -6.36 -3.96
C ASP C 137 11.12 -7.55 -4.00
N VAL C 138 10.70 -8.67 -4.57
CA VAL C 138 11.50 -9.88 -4.59
C VAL C 138 12.09 -10.16 -5.97
N ALA C 139 11.94 -9.22 -6.91
CA ALA C 139 12.50 -9.33 -8.25
C ALA C 139 12.04 -10.63 -8.94
N ALA C 140 10.73 -10.79 -9.01
CA ALA C 140 10.12 -11.99 -9.57
C ALA C 140 9.39 -11.66 -10.86
N ALA C 141 9.48 -12.56 -11.83
CA ALA C 141 8.63 -12.48 -13.01
C ALA C 141 7.21 -12.90 -12.65
N ALA C 142 6.30 -12.75 -13.61
CA ALA C 142 4.88 -13.00 -13.39
C ALA C 142 4.34 -13.94 -14.46
N LEU C 143 3.79 -15.06 -14.03
CA LEU C 143 3.07 -15.98 -14.91
C LEU C 143 1.58 -15.70 -14.80
N VAL C 144 0.93 -15.45 -15.93
CA VAL C 144 -0.46 -15.01 -15.97
C VAL C 144 -1.34 -16.16 -16.42
N VAL C 145 -2.23 -16.61 -15.55
CA VAL C 145 -3.21 -17.63 -15.88
C VAL C 145 -4.42 -16.98 -16.51
N VAL C 146 -4.85 -17.48 -17.66
CA VAL C 146 -5.98 -16.92 -18.40
C VAL C 146 -6.95 -18.04 -18.75
N THR C 147 -8.15 -17.65 -19.12
CA THR C 147 -9.15 -18.58 -19.64
C THR C 147 -9.17 -18.52 -21.16
N ALA C 148 -9.94 -19.43 -21.76
CA ALA C 148 -10.13 -19.45 -23.20
C ALA C 148 -11.52 -18.94 -23.60
N ASP C 149 -12.26 -18.36 -22.67
CA ASP C 149 -13.64 -17.98 -22.91
C ASP C 149 -13.75 -16.53 -23.37
N LEU C 150 -14.96 -16.16 -23.76
CA LEU C 150 -15.24 -14.80 -24.20
C LEU C 150 -14.92 -13.80 -23.10
N GLY C 151 -14.14 -12.78 -23.46
CA GLY C 151 -13.72 -11.75 -22.51
C GLY C 151 -12.29 -11.87 -22.07
N THR C 152 -11.60 -12.97 -22.40
CA THR C 152 -10.25 -13.17 -21.88
C THR C 152 -9.23 -12.25 -22.57
N LEU C 153 -9.51 -11.81 -23.79
CA LEU C 153 -8.56 -10.96 -24.51
C LEU C 153 -8.42 -9.60 -23.83
N ASN C 154 -9.54 -8.99 -23.46
CA ASN C 154 -9.50 -7.72 -22.75
C ASN C 154 -8.80 -7.87 -21.40
N HIS C 155 -9.16 -8.89 -20.63
CA HIS C 155 -8.57 -9.07 -19.31
C HIS C 155 -7.08 -9.36 -19.40
N THR C 156 -6.67 -10.17 -20.38
CA THR C 156 -5.25 -10.47 -20.54
C THR C 156 -4.47 -9.21 -20.90
N LYS C 157 -4.98 -8.43 -21.86
CA LYS C 157 -4.31 -7.19 -22.25
C LYS C 157 -4.22 -6.23 -21.07
N LEU C 158 -5.29 -6.11 -20.30
CA LEU C 158 -5.27 -5.24 -19.12
C LEU C 158 -4.22 -5.70 -18.12
N THR C 159 -4.10 -7.02 -17.93
CA THR C 159 -3.15 -7.55 -16.96
C THR C 159 -1.70 -7.34 -17.42
N LEU C 160 -1.42 -7.61 -18.69
CA LEU C 160 -0.06 -7.44 -19.20
C LEU C 160 0.35 -5.98 -19.18
N GLU C 161 -0.58 -5.07 -19.50
CA GLU C 161 -0.28 -3.64 -19.43
C GLU C 161 0.02 -3.21 -18.00
N ALA C 162 -0.65 -3.81 -17.02
CA ALA C 162 -0.36 -3.48 -15.62
C ALA C 162 1.00 -3.99 -15.18
N LEU C 163 1.40 -5.16 -15.70
CA LEU C 163 2.72 -5.69 -15.39
C LEU C 163 3.82 -4.81 -16.00
N ALA C 164 3.64 -4.41 -17.27
CA ALA C 164 4.65 -3.59 -17.92
C ALA C 164 4.73 -2.20 -17.32
N ALA C 165 3.64 -1.71 -16.71
CA ALA C 165 3.65 -0.39 -16.10
C ALA C 165 4.62 -0.29 -14.94
N GLN C 166 4.95 -1.41 -14.29
CA GLN C 166 5.90 -1.42 -13.19
C GLN C 166 7.11 -2.30 -13.47
N GLN C 167 7.42 -2.51 -14.75
CA GLN C 167 8.62 -3.24 -15.18
C GLN C 167 8.67 -4.65 -14.58
N VAL C 168 7.52 -5.29 -14.44
CA VAL C 168 7.44 -6.68 -14.02
C VAL C 168 7.42 -7.54 -15.27
N SER C 169 8.45 -8.37 -15.45
CA SER C 169 8.55 -9.23 -16.62
C SER C 169 7.43 -10.27 -16.61
N CYS C 170 6.90 -10.55 -17.79
CA CYS C 170 5.86 -11.57 -17.96
C CYS C 170 6.52 -12.87 -18.40
N ALA C 171 6.43 -13.89 -17.55
CA ALA C 171 6.98 -15.20 -17.89
C ALA C 171 6.15 -15.93 -18.94
N GLY C 172 4.99 -15.39 -19.31
CA GLY C 172 4.13 -16.00 -20.30
C GLY C 172 2.73 -16.21 -19.75
N LEU C 173 1.90 -16.85 -20.57
CA LEU C 173 0.52 -17.16 -20.20
C LEU C 173 0.34 -18.66 -20.07
N VAL C 174 -0.66 -19.05 -19.28
CA VAL C 174 -1.11 -20.44 -19.19
C VAL C 174 -2.63 -20.43 -19.22
N ILE C 175 -3.21 -21.16 -20.18
CA ILE C 175 -4.66 -21.31 -20.23
C ILE C 175 -5.06 -22.35 -19.18
N GLY C 176 -5.88 -21.93 -18.23
CA GLY C 176 -6.19 -22.80 -17.09
C GLY C 176 -7.03 -24.01 -17.45
N SER C 177 -7.87 -23.89 -18.47
CA SER C 177 -8.73 -24.99 -18.88
C SER C 177 -8.93 -24.91 -20.38
N TRP C 178 -8.39 -25.91 -21.10
CA TRP C 178 -8.52 -25.96 -22.55
C TRP C 178 -9.58 -26.98 -22.93
N PRO C 179 -10.69 -26.57 -23.52
CA PRO C 179 -11.77 -27.52 -23.82
C PRO C 179 -11.40 -28.44 -24.97
N ASP C 180 -12.08 -29.59 -25.00
CA ASP C 180 -11.90 -30.57 -26.05
C ASP C 180 -13.24 -31.22 -26.38
N PRO C 181 -13.81 -30.94 -27.57
CA PRO C 181 -13.22 -30.10 -28.62
C PRO C 181 -13.39 -28.60 -28.36
N PRO C 182 -12.41 -27.80 -28.78
CA PRO C 182 -12.51 -26.35 -28.60
C PRO C 182 -13.41 -25.72 -29.66
N GLY C 183 -14.35 -24.89 -29.19
CA GLY C 183 -15.26 -24.22 -30.09
C GLY C 183 -14.57 -23.09 -30.84
N LEU C 184 -15.39 -22.34 -31.58
CA LEU C 184 -14.86 -21.26 -32.40
C LEU C 184 -14.24 -20.15 -31.55
N VAL C 185 -14.89 -19.82 -30.43
CA VAL C 185 -14.38 -18.75 -29.57
C VAL C 185 -13.07 -19.17 -28.92
N ALA C 186 -13.03 -20.37 -28.34
CA ALA C 186 -11.82 -20.85 -27.70
C ALA C 186 -10.68 -21.01 -28.70
N ALA C 187 -10.98 -21.39 -29.93
CA ALA C 187 -9.93 -21.57 -30.93
C ALA C 187 -9.29 -20.25 -31.31
N SER C 188 -10.11 -19.24 -31.63
CA SER C 188 -9.56 -17.94 -32.00
C SER C 188 -8.89 -17.25 -30.81
N ASN C 189 -9.38 -17.48 -29.60
CA ASN C 189 -8.78 -16.85 -28.43
C ASN C 189 -7.36 -17.34 -28.20
N ARG C 190 -7.13 -18.65 -28.35
CA ARG C 190 -5.77 -19.16 -28.17
C ARG C 190 -4.83 -18.63 -29.25
N SER C 191 -5.30 -18.51 -30.47
CA SER C 191 -4.50 -17.89 -31.52
C SER C 191 -4.22 -16.43 -31.20
N ALA C 192 -5.23 -15.71 -30.71
CA ALA C 192 -5.04 -14.30 -30.36
C ALA C 192 -4.12 -14.16 -29.15
N LEU C 193 -4.32 -15.00 -28.13
CA LEU C 193 -3.47 -14.93 -26.94
C LEU C 193 -2.01 -15.21 -27.30
N ALA C 194 -1.76 -16.17 -28.19
CA ALA C 194 -0.40 -16.48 -28.59
C ALA C 194 0.24 -15.32 -29.35
N ARG C 195 -0.56 -14.44 -29.96
CA ARG C 195 -0.02 -13.25 -30.59
C ARG C 195 0.29 -12.15 -29.58
N ILE C 196 -0.24 -12.25 -28.36
CA ILE C 196 0.02 -11.26 -27.33
C ILE C 196 1.24 -11.62 -26.50
N ALA C 197 1.38 -12.90 -26.13
CA ALA C 197 2.51 -13.35 -25.33
C ALA C 197 2.70 -14.84 -25.55
N MET C 198 3.76 -15.38 -24.94
CA MET C 198 4.09 -16.79 -25.06
C MET C 198 3.11 -17.63 -24.24
N VAL C 199 2.41 -18.56 -24.90
CA VAL C 199 1.50 -19.47 -24.22
C VAL C 199 2.33 -20.69 -23.81
N ARG C 200 2.67 -20.77 -22.52
CA ARG C 200 3.57 -21.82 -22.05
C ARG C 200 2.87 -23.17 -21.97
N ALA C 201 1.56 -23.18 -21.74
CA ALA C 201 0.81 -24.43 -21.66
C ALA C 201 -0.67 -24.12 -21.75
N ALA C 202 -1.44 -25.15 -22.09
CA ALA C 202 -2.91 -25.09 -22.09
C ALA C 202 -3.40 -26.36 -21.40
N LEU C 203 -3.73 -26.25 -20.12
CA LEU C 203 -4.11 -27.42 -19.34
C LEU C 203 -5.45 -27.95 -19.81
N PRO C 204 -5.59 -29.25 -20.04
CA PRO C 204 -6.89 -29.80 -20.43
C PRO C 204 -7.91 -29.65 -19.32
N ALA C 205 -9.18 -29.51 -19.71
CA ALA C 205 -10.26 -29.33 -18.74
C ALA C 205 -10.34 -30.54 -17.81
N GLY C 206 -10.74 -30.29 -16.57
CA GLY C 206 -10.84 -31.35 -15.59
C GLY C 206 -9.50 -31.86 -15.10
N ALA C 207 -8.43 -31.09 -15.29
CA ALA C 207 -7.11 -31.54 -14.84
C ALA C 207 -7.04 -31.61 -13.32
N ALA C 208 -7.81 -30.79 -12.62
CA ALA C 208 -7.82 -30.81 -11.16
C ALA C 208 -8.46 -32.06 -10.58
N SER C 209 -9.10 -32.88 -11.41
CA SER C 209 -9.76 -34.10 -10.96
C SER C 209 -8.90 -35.35 -11.17
N LEU C 210 -7.73 -35.21 -11.78
CA LEU C 210 -6.88 -36.36 -12.02
C LEU C 210 -6.20 -36.81 -10.74
N ASP C 211 -5.87 -38.10 -10.68
CA ASP C 211 -5.05 -38.61 -9.59
C ASP C 211 -3.61 -38.14 -9.78
N ALA C 212 -2.81 -38.34 -8.73
CA ALA C 212 -1.42 -37.88 -8.75
C ALA C 212 -0.65 -38.51 -9.91
N GLY C 213 -0.95 -39.76 -10.25
CA GLY C 213 -0.26 -40.42 -11.34
C GLY C 213 -0.60 -39.81 -12.69
N ASP C 214 -1.89 -39.60 -12.96
CA ASP C 214 -2.31 -39.01 -14.22
C ASP C 214 -1.98 -37.52 -14.28
N PHE C 215 -2.01 -36.83 -13.13
CA PHE C 215 -1.70 -35.40 -13.13
C PHE C 215 -0.24 -35.15 -13.46
N ALA C 216 0.66 -36.00 -12.94
CA ALA C 216 2.08 -35.84 -13.22
C ALA C 216 2.37 -36.07 -14.70
N ALA C 217 1.69 -37.03 -15.33
CA ALA C 217 1.86 -37.27 -16.75
C ALA C 217 1.33 -36.12 -17.58
N MET C 218 0.22 -35.53 -17.15
CA MET C 218 -0.34 -34.38 -17.85
C MET C 218 0.58 -33.17 -17.75
N SER C 219 1.10 -32.90 -16.55
CA SER C 219 1.94 -31.73 -16.34
C SER C 219 3.22 -31.81 -17.17
N ALA C 220 3.86 -32.98 -17.19
CA ALA C 220 5.10 -33.13 -17.96
C ALA C 220 4.86 -32.92 -19.44
N ALA C 221 3.68 -33.28 -19.95
CA ALA C 221 3.35 -33.10 -21.36
C ALA C 221 2.77 -31.72 -21.65
N ALA C 222 2.40 -30.95 -20.62
CA ALA C 222 1.76 -29.67 -20.86
C ALA C 222 2.77 -28.56 -21.13
N PHE C 223 3.93 -28.62 -20.46
CA PHE C 223 4.94 -27.58 -20.57
C PHE C 223 6.13 -28.07 -21.40
N ASP C 224 6.79 -27.12 -22.05
CA ASP C 224 8.06 -27.39 -22.70
C ASP C 224 9.10 -27.70 -21.63
N ARG C 225 9.69 -28.90 -21.68
CA ARG C 225 10.60 -29.32 -20.62
C ARG C 225 11.86 -28.45 -20.59
N ASN C 226 12.28 -27.94 -21.73
CA ASN C 226 13.44 -27.04 -21.74
C ASN C 226 13.12 -25.71 -21.07
N TRP C 227 11.87 -25.27 -21.12
CA TRP C 227 11.51 -24.00 -20.50
C TRP C 227 11.42 -24.12 -18.98
N VAL C 228 10.80 -25.20 -18.47
CA VAL C 228 10.66 -25.35 -17.03
C VAL C 228 12.01 -25.60 -16.38
N ALA C 229 12.88 -26.37 -17.03
CA ALA C 229 14.21 -26.63 -16.49
C ALA C 229 15.07 -25.37 -16.51
N GLY C 230 14.88 -24.49 -17.50
CA GLY C 230 15.64 -23.26 -17.58
C GLY C 230 15.19 -22.18 -16.62
N LEU C 231 14.13 -22.42 -15.84
CA LEU C 231 13.66 -21.41 -14.90
C LEU C 231 14.66 -21.18 -13.78
N VAL C 232 15.44 -22.20 -13.43
CA VAL C 232 16.41 -22.09 -12.34
C VAL C 232 17.85 -22.11 -12.84
N GLY C 233 18.13 -22.68 -14.00
CA GLY C 233 19.48 -22.72 -14.53
C GLY C 233 19.56 -23.22 -15.96
N GLY D 7 -17.71 22.88 -27.74
CA GLY D 7 -18.87 22.24 -28.33
C GLY D 7 -19.78 21.57 -27.32
N GLY D 8 -19.90 20.25 -27.42
CA GLY D 8 -20.69 19.46 -26.51
C GLY D 8 -19.84 18.60 -25.60
N THR D 9 -20.44 17.54 -25.09
CA THR D 9 -19.77 16.60 -24.20
C THR D 9 -19.82 15.21 -24.81
N ILE D 10 -18.65 14.63 -25.05
CA ILE D 10 -18.52 13.26 -25.52
C ILE D 10 -18.08 12.39 -24.35
N LEU D 11 -18.75 11.25 -24.19
CA LEU D 11 -18.50 10.36 -23.06
C LEU D 11 -18.54 8.93 -23.56
N VAL D 12 -17.40 8.25 -23.55
CA VAL D 12 -17.36 6.85 -23.93
C VAL D 12 -17.83 6.01 -22.76
N VAL D 13 -18.62 4.99 -23.04
CA VAL D 13 -19.15 4.09 -22.03
C VAL D 13 -18.50 2.73 -22.27
N THR D 14 -17.55 2.38 -21.41
CA THR D 14 -16.84 1.11 -21.47
C THR D 14 -17.32 0.22 -20.34
N GLY D 15 -16.69 -0.95 -20.23
CA GLY D 15 -17.01 -1.88 -19.16
C GLY D 15 -15.80 -2.72 -18.81
N THR D 16 -15.87 -3.35 -17.63
CA THR D 16 -14.81 -4.26 -17.24
C THR D 16 -14.72 -5.49 -18.13
N GLY D 17 -15.78 -5.76 -18.90
CA GLY D 17 -15.78 -6.87 -19.81
C GLY D 17 -17.01 -6.85 -20.68
N THR D 18 -17.37 -8.02 -21.18
CA THR D 18 -18.59 -8.16 -21.98
C THR D 18 -19.72 -8.69 -21.11
N GLY D 19 -20.95 -8.31 -21.47
CA GLY D 19 -22.11 -8.73 -20.71
C GLY D 19 -22.20 -8.16 -19.31
N VAL D 20 -21.64 -6.96 -19.09
CA VAL D 20 -21.65 -6.34 -17.78
C VAL D 20 -22.70 -5.24 -17.67
N GLY D 21 -23.41 -4.93 -18.74
CA GLY D 21 -24.46 -3.94 -18.74
C GLY D 21 -24.15 -2.63 -19.45
N LYS D 22 -23.22 -2.62 -20.42
CA LYS D 22 -22.87 -1.37 -21.09
C LYS D 22 -24.08 -0.79 -21.84
N THR D 23 -24.84 -1.65 -22.52
CA THR D 23 -25.96 -1.16 -23.33
C THR D 23 -27.07 -0.59 -22.44
N VAL D 24 -27.41 -1.30 -21.36
CA VAL D 24 -28.49 -0.83 -20.49
C VAL D 24 -28.07 0.42 -19.74
N VAL D 25 -26.78 0.59 -19.45
CA VAL D 25 -26.31 1.81 -18.79
C VAL D 25 -26.39 2.98 -19.76
N CYS D 26 -26.04 2.76 -21.03
CA CYS D 26 -26.16 3.82 -22.03
C CYS D 26 -27.60 4.32 -22.12
N ALA D 27 -28.56 3.38 -22.18
CA ALA D 27 -29.96 3.77 -22.24
C ALA D 27 -30.41 4.45 -20.95
N ALA D 28 -29.94 3.95 -19.81
CA ALA D 28 -30.34 4.54 -18.53
C ALA D 28 -29.84 5.97 -18.40
N LEU D 29 -28.56 6.20 -18.70
CA LEU D 29 -28.02 7.56 -18.64
C LEU D 29 -28.65 8.45 -19.70
N ALA D 30 -28.91 7.90 -20.89
CA ALA D 30 -29.56 8.68 -21.94
C ALA D 30 -30.95 9.11 -21.51
N SER D 31 -31.72 8.18 -20.90
CA SER D 31 -33.05 8.52 -20.43
C SER D 31 -33.00 9.59 -19.35
N ALA D 32 -32.07 9.45 -18.41
CA ALA D 32 -31.96 10.44 -17.33
C ALA D 32 -31.52 11.79 -17.86
N ALA D 33 -30.64 11.82 -18.85
CA ALA D 33 -30.19 13.08 -19.42
C ALA D 33 -31.30 13.75 -20.22
N ARG D 34 -32.11 12.96 -20.94
CA ARG D 34 -33.23 13.52 -21.66
C ARG D 34 -34.23 14.18 -20.72
N GLN D 35 -34.55 13.51 -19.61
CA GLN D 35 -35.48 14.08 -18.65
C GLN D 35 -34.93 15.36 -18.01
N ALA D 36 -33.62 15.54 -18.02
CA ALA D 36 -33.01 16.79 -17.57
C ALA D 36 -32.96 17.85 -18.66
N GLY D 37 -33.60 17.60 -19.80
CA GLY D 37 -33.63 18.57 -20.88
C GLY D 37 -32.38 18.62 -21.73
N ILE D 38 -31.60 17.55 -21.77
CA ILE D 38 -30.35 17.49 -22.51
C ILE D 38 -30.57 16.64 -23.76
N ASP D 39 -30.13 17.15 -24.91
CA ASP D 39 -30.14 16.37 -26.13
C ASP D 39 -29.09 15.26 -26.04
N VAL D 40 -29.46 14.06 -26.48
CA VAL D 40 -28.63 12.88 -26.30
C VAL D 40 -28.48 12.16 -27.63
N ALA D 41 -27.26 11.73 -27.92
CA ALA D 41 -26.97 10.84 -29.04
C ALA D 41 -26.12 9.68 -28.53
N VAL D 42 -26.41 8.48 -29.03
CA VAL D 42 -25.70 7.27 -28.63
C VAL D 42 -25.08 6.65 -29.87
N CYS D 43 -23.81 6.26 -29.77
CA CYS D 43 -23.06 5.73 -30.90
C CYS D 43 -22.43 4.41 -30.50
N LYS D 44 -22.72 3.35 -31.26
CA LYS D 44 -22.04 2.06 -31.14
C LYS D 44 -21.38 1.80 -32.49
N PRO D 45 -20.12 2.21 -32.67
CA PRO D 45 -19.51 2.10 -34.01
C PRO D 45 -19.34 0.67 -34.49
N VAL D 46 -19.01 -0.26 -33.59
CA VAL D 46 -18.80 -1.66 -33.95
C VAL D 46 -19.69 -2.53 -33.08
N GLN D 47 -20.48 -3.39 -33.71
CA GLN D 47 -21.43 -4.25 -33.03
C GLN D 47 -21.26 -5.68 -33.53
N THR D 48 -21.19 -6.63 -32.60
CA THR D 48 -21.12 -8.04 -32.93
C THR D 48 -22.32 -8.77 -32.33
N GLY D 49 -22.44 -10.05 -32.67
CA GLY D 49 -23.50 -10.87 -32.13
C GLY D 49 -24.89 -10.53 -32.62
N THR D 50 -25.00 -10.01 -33.83
CA THR D 50 -26.31 -9.65 -34.38
C THR D 50 -27.09 -10.86 -34.88
N ALA D 51 -26.45 -12.03 -35.01
CA ALA D 51 -27.16 -13.21 -35.48
C ALA D 51 -28.25 -13.62 -34.49
N ARG D 52 -27.98 -13.47 -33.19
CA ARG D 52 -29.00 -13.74 -32.19
C ARG D 52 -30.12 -12.72 -32.26
N GLY D 53 -29.78 -11.44 -32.36
CA GLY D 53 -30.78 -10.40 -32.49
C GLY D 53 -30.55 -9.23 -31.55
N ASP D 54 -29.31 -9.00 -31.13
CA ASP D 54 -28.97 -7.92 -30.22
C ASP D 54 -28.36 -6.77 -31.03
N ASP D 55 -29.19 -5.81 -31.39
CA ASP D 55 -28.72 -4.52 -31.90
C ASP D 55 -28.83 -3.52 -30.74
N ASP D 56 -27.69 -3.17 -30.15
CA ASP D 56 -27.71 -2.37 -28.93
C ASP D 56 -28.28 -0.98 -29.16
N LEU D 57 -28.11 -0.43 -30.36
CA LEU D 57 -28.71 0.87 -30.67
C LEU D 57 -30.23 0.78 -30.69
N ALA D 58 -30.78 -0.34 -31.16
CA ALA D 58 -32.23 -0.52 -31.13
C ALA D 58 -32.73 -0.62 -29.69
N GLU D 59 -31.96 -1.28 -28.82
CA GLU D 59 -32.34 -1.34 -27.41
C GLU D 59 -32.33 0.03 -26.76
N VAL D 60 -31.31 0.85 -27.07
CA VAL D 60 -31.25 2.21 -26.53
C VAL D 60 -32.42 3.03 -27.05
N GLY D 61 -32.75 2.88 -28.33
CA GLY D 61 -33.90 3.59 -28.87
C GLY D 61 -35.21 3.14 -28.24
N ARG D 62 -35.34 1.84 -27.98
CA ARG D 62 -36.57 1.33 -27.38
C ARG D 62 -36.68 1.72 -25.91
N LEU D 63 -35.57 1.64 -25.17
CA LEU D 63 -35.63 1.90 -23.73
C LEU D 63 -35.68 3.38 -23.42
N ALA D 64 -34.88 4.20 -24.12
CA ALA D 64 -34.71 5.60 -23.77
C ALA D 64 -35.33 6.56 -24.78
N GLY D 65 -35.83 6.07 -25.92
CA GLY D 65 -36.39 6.96 -26.91
C GLY D 65 -35.39 7.84 -27.64
N VAL D 66 -34.12 7.44 -27.64
CA VAL D 66 -33.11 8.19 -28.37
C VAL D 66 -33.28 7.95 -29.87
N THR D 67 -33.27 9.03 -30.64
CA THR D 67 -33.41 8.93 -32.10
C THR D 67 -32.08 9.05 -32.83
N GLN D 68 -31.11 9.79 -32.28
CA GLN D 68 -29.80 9.93 -32.91
C GLN D 68 -28.95 8.73 -32.52
N LEU D 69 -29.09 7.66 -33.30
CA LEU D 69 -28.40 6.39 -33.06
C LEU D 69 -27.49 6.12 -34.25
N ALA D 70 -26.18 6.15 -34.01
CA ALA D 70 -25.18 6.06 -35.07
C ALA D 70 -24.33 4.81 -34.91
N GLY D 71 -24.05 4.15 -36.03
CA GLY D 71 -23.19 2.98 -36.04
C GLY D 71 -22.54 2.82 -37.40
N LEU D 72 -21.49 1.99 -37.43
CA LEU D 72 -20.70 1.78 -38.63
C LEU D 72 -20.68 0.35 -39.13
N ALA D 73 -20.64 -0.64 -38.24
CA ALA D 73 -20.49 -2.03 -38.66
C ALA D 73 -21.28 -2.93 -37.73
N ARG D 74 -21.78 -4.03 -38.29
CA ARG D 74 -22.54 -5.04 -37.54
C ARG D 74 -22.08 -6.41 -37.99
N TYR D 75 -21.64 -7.25 -37.05
CA TYR D 75 -21.19 -8.59 -37.37
C TYR D 75 -22.09 -9.63 -36.72
N PRO D 76 -22.43 -10.71 -37.42
CA PRO D 76 -23.40 -11.66 -36.87
C PRO D 76 -22.86 -12.51 -35.73
N GLN D 77 -21.61 -12.95 -35.82
CA GLN D 77 -21.10 -13.88 -34.82
C GLN D 77 -20.86 -13.16 -33.49
N PRO D 78 -21.25 -13.78 -32.36
CA PRO D 78 -21.00 -13.19 -31.03
C PRO D 78 -19.57 -13.42 -30.56
N MET D 79 -18.64 -12.77 -31.25
CA MET D 79 -17.21 -12.88 -30.94
C MET D 79 -16.62 -11.48 -30.84
N ALA D 80 -15.31 -11.43 -30.59
CA ALA D 80 -14.61 -10.16 -30.65
C ALA D 80 -14.74 -9.57 -32.06
N PRO D 81 -14.78 -8.24 -32.17
CA PRO D 81 -14.87 -7.63 -33.51
C PRO D 81 -13.83 -8.13 -34.49
N ALA D 82 -12.59 -8.35 -34.03
CA ALA D 82 -11.55 -8.87 -34.91
C ALA D 82 -11.88 -10.28 -35.39
N ALA D 83 -12.31 -11.15 -34.48
CA ALA D 83 -12.60 -12.53 -34.84
C ALA D 83 -13.91 -12.62 -35.61
N ALA D 84 -14.91 -11.84 -35.22
CA ALA D 84 -16.18 -11.83 -35.95
C ALA D 84 -16.00 -11.34 -37.38
N ALA D 85 -15.12 -10.36 -37.57
CA ALA D 85 -14.82 -9.88 -38.91
C ALA D 85 -14.08 -10.94 -39.73
N GLU D 86 -13.07 -11.57 -39.13
CA GLU D 86 -12.33 -12.61 -39.83
C GLU D 86 -13.21 -13.81 -40.16
N HIS D 87 -14.18 -14.12 -39.29
CA HIS D 87 -15.12 -15.19 -39.57
C HIS D 87 -16.03 -14.86 -40.74
N ALA D 88 -16.37 -13.58 -40.90
CA ALA D 88 -17.25 -13.13 -41.97
C ALA D 88 -16.50 -12.81 -43.26
N GLY D 89 -15.17 -12.93 -43.27
CA GLY D 89 -14.39 -12.63 -44.45
C GLY D 89 -14.31 -11.16 -44.80
N MET D 90 -14.69 -10.27 -43.89
CA MET D 90 -14.63 -8.83 -44.12
C MET D 90 -13.83 -8.19 -43.00
N ALA D 91 -13.41 -6.95 -43.22
CA ALA D 91 -12.51 -6.27 -42.31
C ALA D 91 -13.28 -5.36 -41.34
N LEU D 92 -12.57 -4.94 -40.29
CA LEU D 92 -13.11 -3.96 -39.37
C LEU D 92 -13.13 -2.59 -40.04
N PRO D 93 -13.97 -1.67 -39.56
CA PRO D 93 -13.92 -0.31 -40.06
C PRO D 93 -12.61 0.37 -39.73
N ALA D 94 -12.32 1.44 -40.45
CA ALA D 94 -11.06 2.15 -40.27
C ALA D 94 -11.14 3.08 -39.06
N ARG D 95 -9.97 3.38 -38.50
CA ARG D 95 -9.90 4.23 -37.31
C ARG D 95 -10.49 5.61 -37.57
N ASP D 96 -10.16 6.22 -38.72
CA ASP D 96 -10.66 7.56 -39.00
C ASP D 96 -12.17 7.57 -39.17
N GLN D 97 -12.76 6.47 -39.64
CA GLN D 97 -14.22 6.38 -39.70
C GLN D 97 -14.84 6.54 -38.32
N ILE D 98 -14.24 5.91 -37.30
CA ILE D 98 -14.84 5.92 -35.97
C ILE D 98 -14.74 7.31 -35.35
N VAL D 99 -13.56 7.91 -35.39
CA VAL D 99 -13.37 9.20 -34.70
C VAL D 99 -14.14 10.31 -35.41
N ARG D 100 -14.21 10.27 -36.75
CA ARG D 100 -14.91 11.32 -37.47
C ARG D 100 -16.42 11.21 -37.30
N LEU D 101 -16.94 9.98 -37.30
CA LEU D 101 -18.37 9.79 -37.03
C LEU D 101 -18.76 10.35 -35.68
N ILE D 102 -17.98 10.03 -34.64
CA ILE D 102 -18.26 10.54 -33.30
C ILE D 102 -18.11 12.05 -33.27
N ALA D 103 -17.09 12.59 -33.96
CA ALA D 103 -16.87 14.03 -33.95
C ALA D 103 -18.03 14.78 -34.59
N ASP D 104 -18.61 14.23 -35.66
CA ASP D 104 -19.74 14.88 -36.32
C ASP D 104 -21.01 14.81 -35.49
N LEU D 105 -21.10 13.86 -34.54
CA LEU D 105 -22.25 13.79 -33.65
C LEU D 105 -22.22 14.87 -32.58
N ASP D 106 -21.05 15.40 -32.24
CA ASP D 106 -20.93 16.37 -31.17
C ASP D 106 -21.49 17.72 -31.60
N ARG D 107 -22.16 18.40 -30.69
CA ARG D 107 -22.68 19.74 -30.91
C ARG D 107 -23.04 20.35 -29.55
N PRO D 108 -23.11 21.69 -29.48
CA PRO D 108 -23.40 22.34 -28.20
C PRO D 108 -24.73 21.88 -27.62
N GLY D 109 -24.73 21.60 -26.31
CA GLY D 109 -25.92 21.19 -25.61
C GLY D 109 -26.27 19.73 -25.71
N ARG D 110 -25.43 18.91 -26.33
CA ARG D 110 -25.71 17.50 -26.54
C ARG D 110 -24.71 16.64 -25.79
N LEU D 111 -25.22 15.62 -25.10
CA LEU D 111 -24.39 14.56 -24.53
C LEU D 111 -24.31 13.41 -25.52
N THR D 112 -23.11 13.12 -26.00
CA THR D 112 -22.88 12.03 -26.94
C THR D 112 -22.22 10.86 -26.21
N LEU D 113 -22.89 9.72 -26.20
CA LEU D 113 -22.37 8.51 -25.57
C LEU D 113 -21.84 7.56 -26.64
N VAL D 114 -20.64 7.03 -26.41
CA VAL D 114 -20.01 6.09 -27.32
C VAL D 114 -19.85 4.77 -26.59
N GLU D 115 -20.65 3.77 -26.97
CA GLU D 115 -20.59 2.46 -26.34
C GLU D 115 -19.56 1.59 -27.04
N GLY D 116 -18.64 1.04 -26.25
CA GLY D 116 -17.64 0.14 -26.79
C GLY D 116 -18.16 -1.27 -26.95
N ALA D 117 -17.34 -2.09 -27.59
CA ALA D 117 -17.61 -3.52 -27.73
C ALA D 117 -16.75 -4.28 -26.73
N GLY D 118 -17.40 -4.94 -25.78
CA GLY D 118 -16.65 -5.64 -24.75
C GLY D 118 -15.90 -4.67 -23.86
N GLY D 119 -14.68 -5.05 -23.49
CA GLY D 119 -13.88 -4.27 -22.57
C GLY D 119 -13.15 -3.11 -23.23
N LEU D 120 -12.39 -2.39 -22.41
CA LEU D 120 -11.78 -1.14 -22.84
C LEU D 120 -10.70 -1.36 -23.89
N LEU D 121 -9.91 -2.42 -23.76
CA LEU D 121 -8.79 -2.66 -24.66
C LEU D 121 -9.17 -3.56 -25.83
N VAL D 122 -10.46 -3.73 -26.11
CA VAL D 122 -10.89 -4.51 -27.26
C VAL D 122 -10.56 -3.76 -28.53
N GLU D 123 -10.00 -4.48 -29.51
CA GLU D 123 -9.66 -3.87 -30.79
C GLU D 123 -10.93 -3.54 -31.57
N LEU D 124 -11.11 -2.26 -31.87
CA LEU D 124 -12.26 -1.81 -32.67
C LEU D 124 -11.91 -1.52 -34.12
N ALA D 125 -10.67 -1.12 -34.39
CA ALA D 125 -10.21 -0.88 -35.75
C ALA D 125 -8.90 -1.65 -35.97
N GLU D 126 -8.54 -1.82 -37.24
CA GLU D 126 -7.51 -2.78 -37.62
C GLU D 126 -6.18 -2.59 -36.91
N PRO D 127 -5.58 -1.39 -36.82
CA PRO D 127 -4.23 -1.28 -36.23
C PRO D 127 -4.21 -1.40 -34.71
N GLY D 128 -5.06 -2.25 -34.14
CA GLY D 128 -5.12 -2.38 -32.70
C GLY D 128 -5.74 -1.19 -32.00
N VAL D 129 -6.66 -0.49 -32.67
CA VAL D 129 -7.28 0.70 -32.12
C VAL D 129 -8.34 0.30 -31.12
N THR D 130 -8.31 0.91 -29.94
CA THR D 130 -9.24 0.61 -28.86
C THR D 130 -10.13 1.82 -28.58
N LEU D 131 -11.14 1.59 -27.73
CA LEU D 131 -11.98 2.69 -27.28
C LEU D 131 -11.18 3.73 -26.51
N ARG D 132 -10.08 3.31 -25.88
CA ARG D 132 -9.23 4.26 -25.17
C ARG D 132 -8.55 5.22 -26.15
N ASP D 133 -8.03 4.70 -27.26
CA ASP D 133 -7.48 5.57 -28.30
C ASP D 133 -8.54 6.54 -28.81
N VAL D 134 -9.76 6.05 -29.02
CA VAL D 134 -10.85 6.90 -29.51
C VAL D 134 -11.14 8.02 -28.52
N ALA D 135 -11.13 7.69 -27.21
CA ALA D 135 -11.40 8.71 -26.21
C ALA D 135 -10.35 9.80 -26.21
N VAL D 136 -9.09 9.43 -26.46
CA VAL D 136 -8.03 10.43 -26.53
C VAL D 136 -8.24 11.35 -27.72
N ASP D 137 -8.57 10.78 -28.88
CA ASP D 137 -8.65 11.56 -30.11
C ASP D 137 -9.81 12.55 -30.12
N VAL D 138 -10.85 12.32 -29.32
CA VAL D 138 -11.99 13.22 -29.26
C VAL D 138 -12.07 13.93 -27.92
N ALA D 139 -11.07 13.73 -27.05
CA ALA D 139 -11.00 14.37 -25.74
C ALA D 139 -12.25 14.07 -24.90
N ALA D 140 -12.60 12.79 -24.84
CA ALA D 140 -13.77 12.33 -24.09
C ALA D 140 -13.33 11.66 -22.79
N ALA D 141 -14.11 11.86 -21.74
CA ALA D 141 -13.94 11.09 -20.52
C ALA D 141 -14.57 9.71 -20.69
N ALA D 142 -14.39 8.86 -19.69
CA ALA D 142 -14.82 7.47 -19.77
C ALA D 142 -15.70 7.11 -18.57
N LEU D 143 -16.86 6.53 -18.85
CA LEU D 143 -17.72 5.97 -17.83
C LEU D 143 -17.58 4.45 -17.86
N VAL D 144 -17.25 3.85 -16.72
CA VAL D 144 -16.91 2.44 -16.63
C VAL D 144 -18.07 1.68 -16.00
N VAL D 145 -18.59 0.70 -16.72
CA VAL D 145 -19.66 -0.16 -16.22
C VAL D 145 -19.04 -1.39 -15.56
N VAL D 146 -19.44 -1.66 -14.32
CA VAL D 146 -18.89 -2.77 -13.54
C VAL D 146 -20.05 -3.63 -13.04
N THR D 147 -19.70 -4.83 -12.57
CA THR D 147 -20.66 -5.72 -11.94
C THR D 147 -20.47 -5.70 -10.42
N ALA D 148 -21.38 -6.38 -9.73
CA ALA D 148 -21.30 -6.53 -8.29
C ALA D 148 -20.84 -7.91 -7.86
N ASP D 149 -20.41 -8.74 -8.81
CA ASP D 149 -20.04 -10.12 -8.53
C ASP D 149 -18.58 -10.23 -8.12
N LEU D 150 -18.22 -11.42 -7.64
CA LEU D 150 -16.85 -11.68 -7.22
C LEU D 150 -15.90 -11.56 -8.42
N GLY D 151 -14.84 -10.78 -8.24
CA GLY D 151 -13.87 -10.52 -9.30
C GLY D 151 -13.95 -9.12 -9.88
N THR D 152 -15.00 -8.35 -9.56
CA THR D 152 -15.17 -7.03 -10.14
C THR D 152 -14.15 -6.02 -9.63
N LEU D 153 -13.58 -6.24 -8.44
CA LEU D 153 -12.64 -5.26 -7.88
C LEU D 153 -11.35 -5.23 -8.66
N ASN D 154 -10.79 -6.41 -8.97
CA ASN D 154 -9.57 -6.46 -9.77
C ASN D 154 -9.82 -5.92 -11.18
N HIS D 155 -10.96 -6.27 -11.78
CA HIS D 155 -11.27 -5.79 -13.13
C HIS D 155 -11.44 -4.29 -13.16
N THR D 156 -12.07 -3.72 -12.13
CA THR D 156 -12.26 -2.28 -12.07
C THR D 156 -10.92 -1.55 -11.91
N LYS D 157 -10.05 -2.06 -11.04
CA LYS D 157 -8.74 -1.45 -10.86
C LYS D 157 -7.91 -1.52 -12.14
N LEU D 158 -7.95 -2.68 -12.83
CA LEU D 158 -7.22 -2.81 -14.08
C LEU D 158 -7.70 -1.81 -15.12
N THR D 159 -9.02 -1.65 -15.25
CA THR D 159 -9.56 -0.74 -16.25
C THR D 159 -9.21 0.70 -15.92
N LEU D 160 -9.30 1.09 -14.63
CA LEU D 160 -9.01 2.47 -14.25
C LEU D 160 -7.53 2.79 -14.41
N GLU D 161 -6.63 1.82 -14.18
CA GLU D 161 -5.22 2.06 -14.46
C GLU D 161 -4.98 2.24 -15.94
N ALA D 162 -5.67 1.48 -16.78
CA ALA D 162 -5.52 1.61 -18.22
C ALA D 162 -5.96 2.99 -18.69
N LEU D 163 -7.02 3.54 -18.09
CA LEU D 163 -7.47 4.88 -18.45
C LEU D 163 -6.45 5.93 -18.02
N ALA D 164 -5.95 5.81 -16.79
CA ALA D 164 -5.00 6.80 -16.28
C ALA D 164 -3.68 6.76 -17.04
N ALA D 165 -3.31 5.58 -17.57
CA ALA D 165 -2.04 5.47 -18.28
C ALA D 165 -2.02 6.34 -19.54
N GLN D 166 -3.19 6.63 -20.11
CA GLN D 166 -3.29 7.48 -21.29
C GLN D 166 -3.99 8.79 -21.00
N GLN D 167 -4.09 9.18 -19.73
CA GLN D 167 -4.64 10.48 -19.32
C GLN D 167 -6.07 10.66 -19.80
N VAL D 168 -6.85 9.58 -19.76
CA VAL D 168 -8.28 9.64 -20.03
C VAL D 168 -9.01 9.74 -18.69
N SER D 169 -9.79 10.80 -18.52
CA SER D 169 -10.46 11.04 -17.25
C SER D 169 -11.57 10.03 -17.02
N CYS D 170 -11.71 9.61 -15.76
CA CYS D 170 -12.76 8.67 -15.38
C CYS D 170 -13.96 9.47 -14.87
N ALA D 171 -15.11 9.30 -15.55
CA ALA D 171 -16.33 9.98 -15.14
C ALA D 171 -17.05 9.29 -14.00
N GLY D 172 -16.61 8.10 -13.61
CA GLY D 172 -17.20 7.35 -12.52
C GLY D 172 -17.54 5.94 -12.92
N LEU D 173 -18.21 5.23 -12.03
CA LEU D 173 -18.62 3.86 -12.23
C LEU D 173 -20.14 3.75 -12.20
N VAL D 174 -20.66 2.72 -12.86
CA VAL D 174 -22.08 2.37 -12.80
C VAL D 174 -22.18 0.86 -12.70
N ILE D 175 -22.87 0.37 -11.68
CA ILE D 175 -23.16 -1.06 -11.56
C ILE D 175 -24.30 -1.39 -12.51
N GLY D 176 -24.03 -2.29 -13.46
CA GLY D 176 -25.01 -2.58 -14.51
C GLY D 176 -26.19 -3.40 -14.05
N SER D 177 -26.07 -4.11 -12.94
CA SER D 177 -27.16 -4.95 -12.44
C SER D 177 -26.98 -5.13 -10.95
N TRP D 178 -27.88 -4.54 -10.16
CA TRP D 178 -27.83 -4.64 -8.71
C TRP D 178 -28.83 -5.68 -8.24
N PRO D 179 -28.41 -6.74 -7.56
CA PRO D 179 -29.34 -7.81 -7.21
C PRO D 179 -30.28 -7.41 -6.08
N ASP D 180 -31.45 -8.04 -6.08
CA ASP D 180 -32.47 -7.83 -5.05
C ASP D 180 -33.00 -9.18 -4.60
N PRO D 181 -32.66 -9.63 -3.38
CA PRO D 181 -31.83 -8.93 -2.39
C PRO D 181 -30.32 -9.07 -2.65
N PRO D 182 -29.53 -8.09 -2.21
CA PRO D 182 -28.08 -8.17 -2.41
C PRO D 182 -27.46 -9.19 -1.46
N GLY D 183 -26.60 -10.03 -2.02
CA GLY D 183 -25.88 -11.01 -1.23
C GLY D 183 -24.76 -10.36 -0.42
N LEU D 184 -24.01 -11.23 0.27
CA LEU D 184 -22.91 -10.74 1.09
C LEU D 184 -21.77 -10.22 0.23
N VAL D 185 -21.43 -10.94 -0.84
CA VAL D 185 -20.35 -10.48 -1.73
C VAL D 185 -20.77 -9.20 -2.45
N ALA D 186 -22.02 -9.14 -2.92
CA ALA D 186 -22.48 -7.96 -3.65
C ALA D 186 -22.52 -6.74 -2.76
N ALA D 187 -22.99 -6.89 -1.52
CA ALA D 187 -23.09 -5.75 -0.61
C ALA D 187 -21.71 -5.20 -0.27
N SER D 188 -20.72 -6.07 -0.10
CA SER D 188 -19.37 -5.62 0.19
C SER D 188 -18.73 -4.97 -1.04
N ASN D 189 -19.00 -5.51 -2.22
CA ASN D 189 -18.41 -4.96 -3.44
C ASN D 189 -18.89 -3.54 -3.68
N ARG D 190 -20.17 -3.26 -3.43
CA ARG D 190 -20.68 -1.91 -3.62
C ARG D 190 -19.98 -0.92 -2.69
N SER D 191 -19.61 -1.35 -1.48
CA SER D 191 -18.86 -0.47 -0.59
C SER D 191 -17.42 -0.32 -1.04
N ALA D 192 -16.81 -1.41 -1.51
CA ALA D 192 -15.41 -1.35 -1.96
C ALA D 192 -15.29 -0.55 -3.25
N LEU D 193 -16.26 -0.70 -4.17
CA LEU D 193 -16.23 0.07 -5.40
C LEU D 193 -16.31 1.56 -5.12
N ALA D 194 -17.08 1.96 -4.10
CA ALA D 194 -17.19 3.37 -3.76
C ALA D 194 -15.87 3.94 -3.26
N ARG D 195 -15.04 3.11 -2.63
CA ARG D 195 -13.71 3.57 -2.23
C ARG D 195 -12.78 3.76 -3.42
N ILE D 196 -13.07 3.12 -4.56
CA ILE D 196 -12.18 3.22 -5.71
C ILE D 196 -12.50 4.46 -6.54
N ALA D 197 -13.79 4.69 -6.82
CA ALA D 197 -14.20 5.82 -7.62
C ALA D 197 -15.65 6.15 -7.28
N MET D 198 -16.16 7.22 -7.90
CA MET D 198 -17.54 7.63 -7.69
C MET D 198 -18.49 6.64 -8.36
N VAL D 199 -19.39 6.06 -7.58
CA VAL D 199 -20.42 5.17 -8.12
C VAL D 199 -21.62 6.02 -8.51
N ARG D 200 -21.80 6.22 -9.82
CA ARG D 200 -22.83 7.13 -10.30
C ARG D 200 -24.23 6.55 -10.17
N ALA D 201 -24.39 5.25 -10.33
CA ALA D 201 -25.70 4.62 -10.25
C ALA D 201 -25.53 3.12 -10.09
N ALA D 202 -26.57 2.47 -9.60
CA ALA D 202 -26.65 1.02 -9.47
C ALA D 202 -27.97 0.58 -10.08
N LEU D 203 -27.94 0.15 -11.33
CA LEU D 203 -29.17 -0.17 -12.05
C LEU D 203 -29.82 -1.42 -11.45
N PRO D 204 -31.12 -1.38 -11.17
CA PRO D 204 -31.80 -2.58 -10.66
C PRO D 204 -31.70 -3.73 -11.65
N ALA D 205 -31.61 -4.95 -11.11
CA ALA D 205 -31.53 -6.13 -11.95
C ALA D 205 -32.78 -6.27 -12.79
N GLY D 206 -32.59 -6.67 -14.05
CA GLY D 206 -33.70 -6.80 -14.97
C GLY D 206 -34.23 -5.49 -15.52
N ALA D 207 -33.42 -4.43 -15.48
CA ALA D 207 -33.89 -3.13 -15.97
C ALA D 207 -34.09 -3.14 -17.48
N ALA D 208 -33.38 -4.01 -18.20
CA ALA D 208 -33.48 -4.06 -19.65
C ALA D 208 -34.82 -4.60 -20.14
N SER D 209 -35.61 -5.22 -19.26
CA SER D 209 -36.90 -5.78 -19.62
C SER D 209 -38.07 -4.86 -19.32
N LEU D 210 -37.81 -3.71 -18.68
CA LEU D 210 -38.87 -2.77 -18.39
C LEU D 210 -39.38 -2.11 -19.67
N ASP D 211 -40.58 -1.56 -19.60
CA ASP D 211 -41.13 -0.80 -20.70
C ASP D 211 -40.58 0.63 -20.67
N ALA D 212 -40.97 1.44 -21.65
CA ALA D 212 -40.44 2.79 -21.74
C ALA D 212 -40.86 3.64 -20.54
N GLY D 213 -42.05 3.39 -20.00
CA GLY D 213 -42.54 4.22 -18.90
C GLY D 213 -41.79 3.97 -17.60
N ASP D 214 -41.59 2.70 -17.25
CA ASP D 214 -40.92 2.36 -16.00
C ASP D 214 -39.41 2.50 -16.10
N PHE D 215 -38.84 2.23 -17.28
CA PHE D 215 -37.41 2.44 -17.47
C PHE D 215 -37.03 3.90 -17.31
N ALA D 216 -37.91 4.81 -17.75
CA ALA D 216 -37.66 6.23 -17.55
C ALA D 216 -37.74 6.60 -16.07
N ALA D 217 -38.67 5.99 -15.34
CA ALA D 217 -38.75 6.24 -13.91
C ALA D 217 -37.53 5.71 -13.19
N MET D 218 -37.07 4.52 -13.57
CA MET D 218 -35.86 3.96 -12.96
C MET D 218 -34.63 4.80 -13.29
N SER D 219 -34.52 5.25 -14.54
CA SER D 219 -33.34 6.00 -14.96
C SER D 219 -33.24 7.33 -14.23
N ALA D 220 -34.38 8.00 -13.99
CA ALA D 220 -34.36 9.27 -13.29
C ALA D 220 -33.99 9.10 -11.83
N ALA D 221 -34.34 7.97 -11.23
CA ALA D 221 -34.03 7.72 -9.82
C ALA D 221 -32.64 7.17 -9.60
N ALA D 222 -32.03 6.57 -10.63
CA ALA D 222 -30.74 5.91 -10.45
C ALA D 222 -29.59 6.90 -10.37
N PHE D 223 -29.63 7.97 -11.15
CA PHE D 223 -28.54 8.92 -11.23
C PHE D 223 -28.82 10.17 -10.41
N ASP D 224 -27.75 10.82 -9.96
CA ASP D 224 -27.87 12.11 -9.30
C ASP D 224 -28.29 13.16 -10.32
N ARG D 225 -29.36 13.89 -10.02
CA ARG D 225 -29.86 14.89 -10.95
C ARG D 225 -28.87 16.03 -11.17
N ASN D 226 -28.08 16.36 -10.15
CA ASN D 226 -27.09 17.42 -10.30
C ASN D 226 -25.92 16.98 -11.18
N TRP D 227 -25.48 15.72 -11.03
CA TRP D 227 -24.36 15.24 -11.82
C TRP D 227 -24.73 15.11 -13.30
N VAL D 228 -25.93 14.60 -13.58
CA VAL D 228 -26.36 14.43 -14.97
C VAL D 228 -26.45 15.78 -15.66
N ALA D 229 -27.17 16.73 -15.05
CA ALA D 229 -27.29 18.06 -15.64
C ALA D 229 -25.94 18.77 -15.69
N GLY D 230 -25.03 18.43 -14.78
CA GLY D 230 -23.71 19.02 -14.77
C GLY D 230 -22.82 18.55 -15.90
N LEU D 231 -23.21 17.46 -16.58
CA LEU D 231 -22.42 16.98 -17.71
C LEU D 231 -22.45 17.97 -18.86
N VAL D 232 -23.59 18.63 -19.07
CA VAL D 232 -23.76 19.65 -20.10
C VAL D 232 -23.34 19.14 -21.47
#